data_8COV
#
_entry.id   8COV
#
_cell.length_a   71.392
_cell.length_b   65.344
_cell.length_c   84.223
_cell.angle_alpha   90.00
_cell.angle_beta   102.32
_cell.angle_gamma   90.00
#
_symmetry.space_group_name_H-M   'P 1 21 1'
#
loop_
_entity.id
_entity.type
_entity.pdbx_description
1 polymer '3-oxoacyl-[acyl-carrier-protein] synthase 2'
2 non-polymer 'DIMETHYL SULFOXIDE'
3 non-polymer '6-chloranyl-2-methyl-1~{H}-indole-5-carboxylic acid'
4 non-polymer 'FORMIC ACID'
5 non-polymer 'PHOSPHATE ION'
6 water water
#
_entity_poly.entity_id   1
_entity_poly.type   'polypeptide(L)'
_entity_poly.pdbx_seq_one_letter_code
;SRRRVVITGMGMLSPLGLDVPSSWEGILAGRSGIAPIEHMDLSAYSTRFGGSVKGFNVEEYLSAKEARKLDLFIQYGLAA
SFQAVRDSGLEVTDANRERIGVSMGSGIGGLTNIENNCRSLFEQGPRRISPFFVPGSIINMVSGFLSIHLGLQGPNYALT
TAQTTGTHSIGMAARNIAYGEADVMVAGGSEMAACGLGLGGFGAARALSTRNDEPTRASRPWDRDRDGFVLSDGSGALVL
EELEHARARGARIYAELVGFGMSGDAFHMTAPPEDGAGAARCMKNALRDAGLDPRQVDYINAHGTSTPAGDIAEIAAVKS
VFGEHAHALSMSSTKSMTGHLLGAAGAVEAIFSVLALRDQVAPPTINLDNPDEGCDLDLVAHEAKPRKIDVALSNSFGFG
GTNGTLVFRRFA
;
_entity_poly.pdbx_strand_id   A,B
#
loop_
_chem_comp.id
_chem_comp.type
_chem_comp.name
_chem_comp.formula
DMS non-polymer 'DIMETHYL SULFOXIDE' 'C2 H6 O S'
FMT non-polymer 'FORMIC ACID' 'C H2 O2'
PO4 non-polymer 'PHOSPHATE ION' 'O4 P -3'
VBR non-polymer '6-chloranyl-2-methyl-1~{H}-indole-5-carboxylic acid' 'C10 H8 Cl N O2'
#
# COMPACT_ATOMS: atom_id res chain seq x y z
N SER A 1 12.47 -1.48 23.26
CA SER A 1 12.95 -2.85 22.87
C SER A 1 11.83 -3.61 22.16
N ARG A 2 12.19 -4.63 21.38
CA ARG A 2 11.22 -5.34 20.53
C ARG A 2 10.22 -6.13 21.38
N ARG A 3 8.93 -5.81 21.28
CA ARG A 3 7.87 -6.53 22.02
C ARG A 3 7.42 -7.74 21.19
N ARG A 4 6.92 -8.76 21.86
CA ARG A 4 6.37 -9.97 21.22
C ARG A 4 4.95 -9.69 20.72
N VAL A 5 4.57 -10.37 19.65
CA VAL A 5 3.29 -10.16 18.93
C VAL A 5 2.58 -11.50 18.81
N VAL A 6 1.33 -11.55 19.27
CA VAL A 6 0.49 -12.78 19.20
C VAL A 6 -0.75 -12.52 18.36
N ILE A 7 -1.38 -13.60 17.91
CA ILE A 7 -2.65 -13.59 17.14
C ILE A 7 -3.79 -13.90 18.10
N THR A 8 -4.74 -12.98 18.27
CA THR A 8 -5.86 -13.16 19.22
C THR A 8 -7.21 -13.21 18.51
N GLY A 9 -7.26 -12.94 17.20
CA GLY A 9 -8.53 -12.98 16.45
C GLY A 9 -8.28 -13.23 14.99
N MET A 10 -9.16 -13.98 14.33
CA MET A 10 -9.02 -14.24 12.88
C MET A 10 -10.40 -14.19 12.21
N GLY A 11 -10.41 -13.73 10.96
CA GLY A 11 -11.64 -13.65 10.16
C GLY A 11 -11.36 -13.88 8.69
N MET A 12 -12.36 -14.36 7.95
CA MET A 12 -12.10 -14.80 6.56
C MET A 12 -13.39 -14.85 5.75
N LEU A 13 -13.29 -14.47 4.48
CA LEU A 13 -14.16 -14.95 3.39
C LEU A 13 -13.27 -15.67 2.38
N SER A 14 -13.68 -16.85 1.94
CA SER A 14 -12.91 -17.61 0.94
C SER A 14 -13.86 -18.38 0.05
N PRO A 15 -13.35 -18.95 -1.07
CA PRO A 15 -14.15 -19.85 -1.89
C PRO A 15 -14.63 -21.11 -1.14
N LEU A 16 -14.11 -21.37 0.06
CA LEU A 16 -14.49 -22.56 0.86
C LEU A 16 -15.48 -22.20 1.98
N GLY A 17 -15.66 -20.92 2.30
CA GLY A 17 -16.56 -20.57 3.41
C GLY A 17 -16.64 -19.09 3.72
N LEU A 18 -17.69 -18.72 4.44
CA LEU A 18 -17.98 -17.30 4.79
C LEU A 18 -17.40 -16.95 6.16
N ASP A 19 -16.57 -17.83 6.74
CA ASP A 19 -15.87 -17.56 8.01
C ASP A 19 -14.67 -18.51 8.11
N VAL A 20 -13.91 -18.42 9.19
CA VAL A 20 -12.66 -19.22 9.36
C VAL A 20 -13.02 -20.68 9.58
N PRO A 21 -13.90 -21.03 10.55
N PRO A 21 -13.90 -21.04 10.56
CA PRO A 21 -14.19 -22.44 10.82
CA PRO A 21 -14.21 -22.44 10.82
C PRO A 21 -14.70 -23.19 9.57
C PRO A 21 -14.70 -23.19 9.57
N SER A 22 -15.60 -22.61 8.80
CA SER A 22 -16.16 -23.26 7.58
C SER A 22 -15.05 -23.41 6.52
N SER A 23 -14.22 -22.39 6.34
CA SER A 23 -13.07 -22.42 5.39
C SER A 23 -12.09 -23.52 5.80
N TRP A 24 -11.74 -23.59 7.09
CA TRP A 24 -10.74 -24.54 7.63
C TRP A 24 -11.26 -25.98 7.50
N GLU A 25 -12.55 -26.16 7.76
CA GLU A 25 -13.22 -27.48 7.56
C GLU A 25 -13.03 -27.89 6.09
N GLY A 26 -13.26 -26.99 5.14
CA GLY A 26 -13.07 -27.30 3.71
C GLY A 26 -11.61 -27.66 3.40
N ILE A 27 -10.67 -26.91 3.97
CA ILE A 27 -9.22 -27.14 3.77
C ILE A 27 -8.87 -28.58 4.23
N LEU A 28 -9.26 -28.95 5.45
CA LEU A 28 -8.85 -30.26 6.02
C LEU A 28 -9.60 -31.39 5.31
N ALA A 29 -10.75 -31.09 4.67
CA ALA A 29 -11.55 -32.09 3.92
C ALA A 29 -11.04 -32.25 2.49
N GLY A 30 -10.11 -31.41 2.04
CA GLY A 30 -9.60 -31.50 0.65
C GLY A 30 -10.64 -31.02 -0.35
N ARG A 31 -11.55 -30.15 0.08
CA ARG A 31 -12.62 -29.62 -0.80
C ARG A 31 -12.08 -28.51 -1.69
N SER A 32 -12.50 -28.46 -2.95
CA SER A 32 -12.23 -27.35 -3.91
C SER A 32 -13.34 -26.31 -3.82
N GLY A 33 -12.97 -25.03 -3.86
CA GLY A 33 -13.93 -23.92 -3.95
C GLY A 33 -13.98 -23.33 -5.34
N ILE A 34 -13.45 -24.05 -6.34
CA ILE A 34 -13.31 -23.54 -7.73
C ILE A 34 -14.51 -24.03 -8.54
N ALA A 35 -15.11 -23.15 -9.32
CA ALA A 35 -16.31 -23.46 -10.11
C ALA A 35 -16.42 -22.47 -11.25
N PRO A 36 -17.18 -22.83 -12.33
CA PRO A 36 -17.53 -21.89 -13.38
C PRO A 36 -18.06 -20.61 -12.73
N ILE A 37 -17.61 -19.45 -13.22
CA ILE A 37 -18.03 -18.12 -12.71
C ILE A 37 -19.46 -17.87 -13.21
N GLU A 38 -20.32 -17.38 -12.32
CA GLU A 38 -21.77 -17.20 -12.57
C GLU A 38 -22.12 -15.71 -12.72
N HIS A 39 -21.30 -14.80 -12.21
CA HIS A 39 -21.69 -13.37 -12.06
C HIS A 39 -21.42 -12.57 -13.34
N MET A 40 -20.84 -13.19 -14.39
CA MET A 40 -20.66 -12.52 -15.70
C MET A 40 -20.50 -13.58 -16.81
N ASP A 41 -20.82 -13.20 -18.05
CA ASP A 41 -20.69 -14.03 -19.27
C ASP A 41 -19.20 -14.05 -19.69
N LEU A 42 -18.53 -15.20 -19.55
CA LEU A 42 -17.09 -15.34 -19.85
C LEU A 42 -16.89 -16.11 -21.16
N SER A 43 -17.91 -16.14 -22.05
CA SER A 43 -17.85 -16.94 -23.29
CA SER A 43 -17.85 -16.92 -23.30
C SER A 43 -16.65 -16.50 -24.16
N ALA A 44 -16.32 -15.22 -24.21
CA ALA A 44 -15.18 -14.69 -25.02
C ALA A 44 -13.82 -14.90 -24.33
N TYR A 45 -13.77 -15.45 -23.12
CA TYR A 45 -12.54 -15.55 -22.28
C TYR A 45 -11.95 -16.96 -22.40
N SER A 46 -10.63 -17.10 -22.31
CA SER A 46 -9.92 -18.40 -22.32
C SER A 46 -10.04 -19.11 -20.97
N THR A 47 -10.41 -18.39 -19.89
CA THR A 47 -10.65 -18.96 -18.53
C THR A 47 -12.03 -18.52 -18.04
N ARG A 48 -12.88 -19.45 -17.64
CA ARG A 48 -14.32 -19.19 -17.37
C ARG A 48 -14.70 -19.69 -15.97
N PHE A 49 -13.69 -19.98 -15.13
CA PHE A 49 -13.89 -20.49 -13.76
C PHE A 49 -12.92 -19.76 -12.82
N GLY A 50 -13.13 -19.95 -11.52
CA GLY A 50 -12.36 -19.29 -10.45
C GLY A 50 -12.94 -19.62 -9.10
N GLY A 51 -12.34 -19.08 -8.03
CA GLY A 51 -12.85 -19.21 -6.66
C GLY A 51 -13.65 -18.00 -6.27
N SER A 52 -14.97 -18.08 -6.38
CA SER A 52 -15.92 -17.03 -5.96
C SER A 52 -16.24 -17.23 -4.48
N VAL A 53 -16.54 -16.13 -3.79
CA VAL A 53 -17.19 -16.20 -2.45
C VAL A 53 -18.67 -16.49 -2.74
N LYS A 54 -19.19 -17.61 -2.23
CA LYS A 54 -20.57 -18.07 -2.54
C LYS A 54 -21.50 -17.68 -1.40
N GLY A 55 -22.56 -16.94 -1.70
CA GLY A 55 -23.64 -16.65 -0.73
C GLY A 55 -23.25 -15.62 0.30
N PHE A 56 -22.31 -14.74 -0.02
CA PHE A 56 -21.88 -13.62 0.87
C PHE A 56 -23.06 -12.67 1.07
N ASN A 57 -23.38 -12.37 2.32
CA ASN A 57 -24.47 -11.43 2.65
C ASN A 57 -23.86 -10.26 3.39
N VAL A 58 -23.58 -9.18 2.66
CA VAL A 58 -22.92 -7.98 3.24
C VAL A 58 -23.82 -7.40 4.34
N GLU A 59 -25.14 -7.66 4.30
CA GLU A 59 -26.09 -7.13 5.29
C GLU A 59 -25.91 -7.83 6.65
N GLU A 60 -25.09 -8.88 6.77
CA GLU A 60 -24.66 -9.42 8.08
C GLU A 60 -23.67 -8.44 8.74
N TYR A 61 -23.16 -7.42 8.03
CA TYR A 61 -22.06 -6.54 8.47
C TYR A 61 -22.42 -5.07 8.34
N LEU A 62 -23.04 -4.67 7.22
CA LEU A 62 -23.26 -3.25 6.83
C LEU A 62 -24.71 -3.08 6.37
N SER A 63 -25.24 -1.86 6.43
CA SER A 63 -26.53 -1.52 5.77
C SER A 63 -26.36 -1.70 4.26
N ALA A 64 -27.43 -2.11 3.57
CA ALA A 64 -27.51 -2.19 2.09
C ALA A 64 -27.03 -0.86 1.49
N LYS A 65 -27.43 0.26 2.10
CA LYS A 65 -27.18 1.62 1.57
C LYS A 65 -25.66 1.90 1.56
N GLU A 66 -24.98 1.59 2.66
CA GLU A 66 -23.52 1.77 2.76
C GLU A 66 -22.81 0.83 1.78
N ALA A 67 -23.24 -0.44 1.71
CA ALA A 67 -22.61 -1.49 0.88
C ALA A 67 -22.66 -1.10 -0.60
N ARG A 68 -23.73 -0.41 -1.03
CA ARG A 68 -23.91 0.00 -2.45
C ARG A 68 -22.80 0.97 -2.85
N LYS A 69 -22.17 1.65 -1.90
CA LYS A 69 -21.09 2.64 -2.16
C LYS A 69 -19.72 1.95 -2.29
N LEU A 70 -19.61 0.65 -1.98
CA LEU A 70 -18.30 0.01 -1.72
C LEU A 70 -18.05 -1.12 -2.71
N ASP A 71 -16.89 -1.12 -3.36
CA ASP A 71 -16.43 -2.28 -4.16
C ASP A 71 -16.46 -3.52 -3.28
N LEU A 72 -16.69 -4.68 -3.91
CA LEU A 72 -16.67 -6.00 -3.23
C LEU A 72 -15.37 -6.17 -2.43
N PHE A 73 -14.21 -5.74 -2.92
CA PHE A 73 -12.96 -6.00 -2.15
C PHE A 73 -13.05 -5.27 -0.79
N ILE A 74 -13.71 -4.11 -0.71
CA ILE A 74 -13.89 -3.39 0.58
C ILE A 74 -14.90 -4.15 1.43
N GLN A 75 -16.02 -4.60 0.84
CA GLN A 75 -17.03 -5.39 1.58
C GLN A 75 -16.34 -6.62 2.18
N TYR A 76 -15.54 -7.34 1.38
CA TYR A 76 -14.88 -8.59 1.81
C TYR A 76 -13.89 -8.27 2.94
N GLY A 77 -13.10 -7.20 2.81
CA GLY A 77 -12.10 -6.82 3.81
C GLY A 77 -12.75 -6.45 5.12
N LEU A 78 -13.86 -5.72 5.07
CA LEU A 78 -14.64 -5.34 6.29
C LEU A 78 -15.22 -6.59 6.93
N ALA A 79 -15.79 -7.51 6.15
CA ALA A 79 -16.40 -8.74 6.72
C ALA A 79 -15.34 -9.52 7.49
N ALA A 80 -14.17 -9.74 6.89
CA ALA A 80 -13.06 -10.48 7.54
C ALA A 80 -12.60 -9.74 8.79
N SER A 81 -12.49 -8.42 8.70
CA SER A 81 -12.00 -7.54 9.80
C SER A 81 -12.97 -7.57 10.97
N PHE A 82 -14.28 -7.44 10.72
CA PHE A 82 -15.30 -7.46 11.79
C PHE A 82 -15.26 -8.83 12.48
N GLN A 83 -15.16 -9.91 11.71
CA GLN A 83 -15.03 -11.29 12.24
C GLN A 83 -13.82 -11.37 13.18
N ALA A 84 -12.66 -10.91 12.73
CA ALA A 84 -11.38 -10.99 13.49
C ALA A 84 -11.52 -10.22 14.80
N VAL A 85 -12.04 -9.00 14.76
CA VAL A 85 -12.19 -8.15 15.98
C VAL A 85 -13.16 -8.85 16.96
N ARG A 86 -14.30 -9.35 16.47
CA ARG A 86 -15.26 -10.08 17.33
C ARG A 86 -14.55 -11.28 17.95
N ASP A 87 -13.84 -12.05 17.13
CA ASP A 87 -13.12 -13.29 17.55
C ASP A 87 -12.12 -12.96 18.65
N SER A 88 -11.49 -11.77 18.64
CA SER A 88 -10.42 -11.36 19.59
C SER A 88 -11.01 -11.06 20.98
N GLY A 89 -12.30 -10.72 21.06
CA GLY A 89 -12.98 -10.30 22.31
C GLY A 89 -12.53 -8.92 22.77
N LEU A 90 -11.71 -8.22 21.95
CA LEU A 90 -11.15 -6.91 22.34
C LEU A 90 -12.30 -5.90 22.45
N GLU A 91 -12.31 -5.08 23.50
CA GLU A 91 -13.27 -3.96 23.64
C GLU A 91 -12.49 -2.67 23.37
N VAL A 92 -12.91 -1.93 22.36
CA VAL A 92 -12.35 -0.60 22.01
C VAL A 92 -12.95 0.44 22.98
N THR A 93 -12.07 1.21 23.62
CA THR A 93 -12.42 2.22 24.65
C THR A 93 -11.64 3.50 24.34
N ASP A 94 -12.04 4.59 24.99
CA ASP A 94 -11.25 5.85 25.00
C ASP A 94 -9.83 5.55 25.47
N ALA A 95 -9.62 4.61 26.39
CA ALA A 95 -8.29 4.30 26.96
C ALA A 95 -7.38 3.60 25.95
N ASN A 96 -7.91 2.87 24.98
CA ASN A 96 -7.02 2.10 24.06
C ASN A 96 -7.19 2.46 22.58
N ARG A 97 -8.14 3.31 22.18
CA ARG A 97 -8.51 3.45 20.74
C ARG A 97 -7.35 4.04 19.96
N GLU A 98 -6.48 4.84 20.59
CA GLU A 98 -5.32 5.44 19.89
C GLU A 98 -4.22 4.38 19.70
N ARG A 99 -4.33 3.22 20.34
CA ARG A 99 -3.29 2.16 20.34
C ARG A 99 -3.74 0.98 19.46
N ILE A 100 -4.88 1.10 18.78
CA ILE A 100 -5.44 0.07 17.85
C ILE A 100 -5.52 0.67 16.45
N GLY A 101 -4.82 0.05 15.52
CA GLY A 101 -4.75 0.49 14.14
C GLY A 101 -5.18 -0.60 13.19
N VAL A 102 -5.04 -0.32 11.90
CA VAL A 102 -5.51 -1.24 10.83
CA VAL A 102 -5.49 -1.26 10.84
C VAL A 102 -4.55 -1.12 9.64
N SER A 103 -4.16 -2.25 9.09
CA SER A 103 -3.42 -2.34 7.81
C SER A 103 -4.03 -3.51 7.03
N MET A 104 -5.08 -3.24 6.28
CA MET A 104 -5.71 -4.21 5.37
C MET A 104 -5.39 -3.75 3.95
N GLY A 105 -4.77 -4.62 3.16
CA GLY A 105 -4.29 -4.26 1.82
C GLY A 105 -5.04 -4.98 0.74
N SER A 106 -4.69 -4.65 -0.49
CA SER A 106 -5.19 -5.33 -1.72
C SER A 106 -4.13 -5.21 -2.81
N GLY A 107 -4.09 -6.19 -3.70
CA GLY A 107 -3.16 -6.22 -4.85
C GLY A 107 -3.65 -5.27 -5.94
N ILE A 108 -4.95 -5.27 -6.26
CA ILE A 108 -5.46 -4.33 -7.31
C ILE A 108 -6.64 -3.49 -6.82
N GLY A 109 -7.26 -3.82 -5.71
CA GLY A 109 -8.34 -2.96 -5.18
C GLY A 109 -9.57 -2.97 -6.07
N GLY A 110 -10.18 -1.81 -6.29
CA GLY A 110 -11.59 -1.71 -6.72
C GLY A 110 -11.74 -1.82 -8.22
N LEU A 111 -11.18 -2.86 -8.82
CA LEU A 111 -11.12 -3.02 -10.30
C LEU A 111 -12.53 -3.13 -10.87
N THR A 112 -13.42 -3.92 -10.24
CA THR A 112 -14.83 -4.09 -10.67
C THR A 112 -15.52 -2.73 -10.69
N ASN A 113 -15.46 -1.97 -9.59
CA ASN A 113 -16.09 -0.64 -9.49
C ASN A 113 -15.48 0.28 -10.57
N ILE A 114 -14.18 0.23 -10.79
CA ILE A 114 -13.51 1.16 -11.74
C ILE A 114 -13.98 0.80 -13.16
N GLU A 115 -14.08 -0.49 -13.46
CA GLU A 115 -14.56 -1.02 -14.75
C GLU A 115 -16.00 -0.51 -14.98
N ASN A 116 -16.86 -0.64 -13.97
CA ASN A 116 -18.30 -0.25 -14.07
C ASN A 116 -18.39 1.25 -14.33
N ASN A 117 -17.58 2.05 -13.64
CA ASN A 117 -17.61 3.54 -13.77
C ASN A 117 -16.99 3.94 -15.12
N CYS A 118 -15.96 3.24 -15.55
CA CYS A 118 -15.40 3.31 -16.94
C CYS A 118 -16.51 3.20 -17.98
N ARG A 119 -17.32 2.16 -17.86
CA ARG A 119 -18.43 1.83 -18.78
C ARG A 119 -19.43 2.99 -18.75
N SER A 120 -19.82 3.47 -17.57
CA SER A 120 -20.71 4.66 -17.43
C SER A 120 -20.10 5.86 -18.17
N LEU A 121 -18.81 6.13 -17.95
CA LEU A 121 -18.11 7.30 -18.54
C LEU A 121 -18.13 7.22 -20.07
N PHE A 122 -17.77 6.07 -20.63
CA PHE A 122 -17.60 5.90 -22.11
C PHE A 122 -18.95 5.85 -22.81
N GLU A 123 -19.93 5.16 -22.21
CA GLU A 123 -21.25 4.91 -22.85
C GLU A 123 -22.17 6.11 -22.60
N GLN A 124 -22.10 6.77 -21.44
CA GLN A 124 -23.12 7.77 -21.05
C GLN A 124 -22.50 9.15 -20.72
N GLY A 125 -21.22 9.20 -20.31
CA GLY A 125 -20.55 10.47 -20.00
C GLY A 125 -20.22 10.59 -18.52
N PRO A 126 -19.38 11.57 -18.14
CA PRO A 126 -18.86 11.67 -16.79
C PRO A 126 -19.92 12.02 -15.75
N ARG A 127 -21.08 12.51 -16.17
CA ARG A 127 -22.18 12.85 -15.23
C ARG A 127 -22.74 11.56 -14.60
N ARG A 128 -22.43 10.39 -15.15
CA ARG A 128 -22.90 9.09 -14.62
C ARG A 128 -21.83 8.41 -13.75
N ILE A 129 -20.66 9.00 -13.57
CA ILE A 129 -19.65 8.48 -12.59
C ILE A 129 -20.22 8.64 -11.16
N SER A 130 -20.13 7.61 -10.34
CA SER A 130 -20.65 7.64 -8.95
C SER A 130 -19.90 8.70 -8.15
N PRO A 131 -20.60 9.52 -7.34
CA PRO A 131 -19.96 10.37 -6.34
C PRO A 131 -19.02 9.62 -5.37
N PHE A 132 -19.26 8.32 -5.21
CA PHE A 132 -18.52 7.44 -4.27
C PHE A 132 -17.43 6.67 -5.02
N PHE A 133 -17.18 6.99 -6.29
CA PHE A 133 -16.14 6.31 -7.11
C PHE A 133 -14.82 6.20 -6.35
N VAL A 134 -14.27 7.32 -5.86
CA VAL A 134 -12.92 7.32 -5.23
C VAL A 134 -12.97 6.60 -3.89
N PRO A 135 -13.76 7.04 -2.87
CA PRO A 135 -13.74 6.37 -1.57
C PRO A 135 -14.25 4.93 -1.65
N GLY A 136 -15.04 4.59 -2.67
CA GLY A 136 -15.59 3.24 -2.84
C GLY A 136 -14.65 2.27 -3.55
N SER A 137 -13.51 2.73 -4.07
CA SER A 137 -12.64 1.95 -4.98
C SER A 137 -11.19 1.91 -4.51
N ILE A 138 -10.71 2.91 -3.76
CA ILE A 138 -9.24 2.99 -3.49
C ILE A 138 -8.88 2.06 -2.33
N ILE A 139 -7.67 1.55 -2.40
CA ILE A 139 -7.22 0.37 -1.60
C ILE A 139 -7.25 0.68 -0.11
N ASN A 140 -6.99 1.90 0.32
CA ASN A 140 -6.86 2.22 1.77
C ASN A 140 -8.23 2.24 2.48
N MET A 141 -9.34 1.96 1.78
CA MET A 141 -10.66 2.27 2.35
C MET A 141 -11.19 1.09 3.17
N VAL A 142 -10.54 -0.07 3.13
CA VAL A 142 -10.82 -1.14 4.13
C VAL A 142 -10.36 -0.61 5.48
N SER A 143 -9.11 -0.16 5.55
CA SER A 143 -8.52 0.43 6.78
C SER A 143 -9.38 1.63 7.20
N GLY A 144 -9.75 2.48 6.26
CA GLY A 144 -10.54 3.69 6.53
C GLY A 144 -11.89 3.35 7.14
N PHE A 145 -12.68 2.54 6.43
CA PHE A 145 -14.06 2.19 6.85
C PHE A 145 -14.01 1.41 8.15
N LEU A 146 -13.05 0.50 8.30
CA LEU A 146 -12.99 -0.30 9.55
C LEU A 146 -12.75 0.65 10.72
N SER A 147 -11.80 1.59 10.57
CA SER A 147 -11.47 2.53 11.65
C SER A 147 -12.71 3.37 12.02
N ILE A 148 -13.47 3.82 11.03
CA ILE A 148 -14.71 4.63 11.23
C ILE A 148 -15.74 3.78 11.98
N HIS A 149 -15.97 2.53 11.55
CA HIS A 149 -17.02 1.69 12.16
C HIS A 149 -16.66 1.32 13.60
N LEU A 150 -15.39 1.10 13.92
CA LEU A 150 -15.01 0.55 15.25
C LEU A 150 -14.36 1.61 16.14
N GLY A 151 -14.03 2.78 15.62
CA GLY A 151 -13.41 3.86 16.39
C GLY A 151 -11.92 3.66 16.60
N LEU A 152 -11.21 3.09 15.62
CA LEU A 152 -9.76 2.78 15.75
C LEU A 152 -8.98 4.04 15.35
N GLN A 153 -8.13 4.55 16.23
CA GLN A 153 -7.41 5.83 15.97
C GLN A 153 -5.91 5.61 15.88
N GLY A 154 -5.46 4.35 15.94
CA GLY A 154 -4.03 4.00 15.81
C GLY A 154 -3.59 4.08 14.35
N PRO A 155 -2.37 3.61 14.05
CA PRO A 155 -1.83 3.64 12.69
C PRO A 155 -2.82 3.07 11.69
N ASN A 156 -3.06 3.82 10.62
CA ASN A 156 -4.13 3.51 9.65
C ASN A 156 -3.50 3.61 8.27
N TYR A 157 -3.30 2.47 7.61
CA TYR A 157 -2.60 2.46 6.30
C TYR A 157 -2.96 1.18 5.57
N ALA A 158 -2.49 1.08 4.33
CA ALA A 158 -2.70 -0.09 3.47
C ALA A 158 -1.42 -0.29 2.66
N LEU A 159 -1.02 -1.54 2.52
CA LEU A 159 0.07 -1.99 1.62
C LEU A 159 -0.58 -2.50 0.35
N THR A 160 0.16 -2.40 -0.74
CA THR A 160 -0.24 -3.02 -2.01
C THR A 160 1.02 -3.57 -2.65
N THR A 161 1.27 -4.88 -2.47
CA THR A 161 2.47 -5.56 -3.00
C THR A 161 2.02 -6.77 -3.81
N ALA A 162 1.02 -6.54 -4.66
CA ALA A 162 0.48 -7.54 -5.60
C ALA A 162 0.16 -8.79 -4.79
N GLN A 163 0.66 -9.96 -5.20
CA GLN A 163 0.26 -11.24 -4.58
C GLN A 163 0.95 -11.42 -3.21
N THR A 164 1.79 -10.50 -2.75
CA THR A 164 2.49 -10.58 -1.45
C THR A 164 1.76 -9.72 -0.41
N THR A 165 0.75 -8.97 -0.84
CA THR A 165 0.10 -7.93 0.01
C THR A 165 -0.25 -8.47 1.41
N GLY A 166 -0.99 -9.57 1.50
CA GLY A 166 -1.52 -10.02 2.81
C GLY A 166 -0.40 -10.40 3.76
N THR A 167 0.68 -10.98 3.24
CA THR A 167 1.86 -11.37 4.03
C THR A 167 2.57 -10.11 4.52
N HIS A 168 2.86 -9.17 3.63
CA HIS A 168 3.53 -7.89 4.00
C HIS A 168 2.66 -7.13 5.02
N SER A 169 1.35 -7.08 4.79
CA SER A 169 0.43 -6.29 5.64
C SER A 169 0.54 -6.79 7.08
N ILE A 170 0.48 -8.12 7.26
CA ILE A 170 0.60 -8.76 8.58
C ILE A 170 1.99 -8.48 9.17
N GLY A 171 3.05 -8.67 8.40
CA GLY A 171 4.43 -8.49 8.90
C GLY A 171 4.70 -7.07 9.34
N MET A 172 4.34 -6.07 8.55
CA MET A 172 4.61 -4.66 8.88
C MET A 172 3.72 -4.21 10.05
N ALA A 173 2.50 -4.73 10.15
CA ALA A 173 1.59 -4.48 11.29
C ALA A 173 2.25 -5.02 12.56
N ALA A 174 2.85 -6.20 12.49
CA ALA A 174 3.58 -6.82 13.61
C ALA A 174 4.73 -5.89 14.02
N ARG A 175 5.47 -5.33 13.05
CA ARG A 175 6.55 -4.36 13.35
C ARG A 175 5.99 -3.12 14.08
N ASN A 176 4.84 -2.59 13.66
CA ASN A 176 4.21 -1.42 14.33
C ASN A 176 4.05 -1.72 15.81
N ILE A 177 3.60 -2.94 16.13
CA ILE A 177 3.33 -3.34 17.53
C ILE A 177 4.67 -3.60 18.24
N ALA A 178 5.56 -4.35 17.60
CA ALA A 178 6.85 -4.77 18.18
C ALA A 178 7.62 -3.53 18.63
N TYR A 179 7.57 -2.46 17.84
CA TYR A 179 8.39 -1.25 18.10
C TYR A 179 7.57 -0.11 18.71
N GLY A 180 6.32 -0.36 19.11
CA GLY A 180 5.57 0.49 20.07
C GLY A 180 4.66 1.53 19.44
N GLU A 181 4.45 1.54 18.12
CA GLU A 181 3.48 2.47 17.46
C GLU A 181 2.03 2.09 17.78
N ALA A 182 1.76 0.84 18.18
CA ALA A 182 0.40 0.34 18.49
C ALA A 182 0.50 -0.86 19.43
N ASP A 183 -0.59 -1.20 20.11
CA ASP A 183 -0.68 -2.44 20.92
C ASP A 183 -1.49 -3.48 20.16
N VAL A 184 -2.37 -3.07 19.25
CA VAL A 184 -3.24 -3.99 18.47
C VAL A 184 -3.27 -3.48 17.03
N MET A 185 -3.20 -4.39 16.08
CA MET A 185 -3.41 -4.09 14.65
C MET A 185 -4.34 -5.15 14.06
N VAL A 186 -5.30 -4.71 13.28
CA VAL A 186 -6.11 -5.60 12.40
C VAL A 186 -5.40 -5.58 11.03
N ALA A 187 -4.91 -6.72 10.59
CA ALA A 187 -4.00 -6.78 9.42
C ALA A 187 -4.37 -7.98 8.56
N GLY A 188 -4.17 -7.79 7.26
CA GLY A 188 -4.55 -8.79 6.24
C GLY A 188 -4.78 -8.14 4.92
N GLY A 189 -5.67 -8.73 4.15
CA GLY A 189 -5.85 -8.38 2.74
C GLY A 189 -7.19 -8.85 2.23
N SER A 190 -7.62 -8.25 1.13
CA SER A 190 -8.89 -8.61 0.45
C SER A 190 -8.71 -8.36 -1.05
N GLU A 191 -9.42 -9.13 -1.83
CA GLU A 191 -9.30 -9.03 -3.30
C GLU A 191 -10.62 -9.48 -3.91
N MET A 192 -11.01 -8.76 -4.95
CA MET A 192 -12.09 -9.16 -5.88
CA MET A 192 -12.08 -9.18 -5.88
C MET A 192 -11.70 -8.66 -7.28
N ALA A 193 -10.92 -9.46 -8.00
CA ALA A 193 -10.39 -9.07 -9.34
C ALA A 193 -11.12 -9.86 -10.45
N ALA A 194 -12.22 -10.55 -10.13
CA ALA A 194 -13.02 -11.34 -11.08
C ALA A 194 -14.00 -10.41 -11.79
N CYS A 195 -13.46 -9.55 -12.65
CA CYS A 195 -14.22 -8.73 -13.63
C CYS A 195 -13.56 -8.93 -14.98
N GLY A 196 -14.12 -8.34 -16.04
CA GLY A 196 -13.55 -8.44 -17.39
C GLY A 196 -12.06 -8.11 -17.38
N LEU A 197 -11.67 -7.00 -16.75
CA LEU A 197 -10.26 -6.54 -16.79
C LEU A 197 -9.36 -7.52 -16.02
N GLY A 198 -9.80 -8.04 -14.88
CA GLY A 198 -8.97 -8.99 -14.09
C GLY A 198 -8.77 -10.31 -14.83
N LEU A 199 -9.86 -10.99 -15.19
CA LEU A 199 -9.78 -12.26 -15.95
C LEU A 199 -9.16 -12.04 -17.32
N GLY A 200 -9.55 -10.95 -18.00
CA GLY A 200 -8.98 -10.58 -19.31
C GLY A 200 -7.50 -10.27 -19.21
N GLY A 201 -7.11 -9.48 -18.20
CA GLY A 201 -5.72 -9.04 -17.96
C GLY A 201 -4.80 -10.22 -17.69
N PHE A 202 -5.16 -11.08 -16.75
CA PHE A 202 -4.32 -12.28 -16.44
C PHE A 202 -4.36 -13.23 -17.65
N GLY A 203 -5.52 -13.32 -18.31
CA GLY A 203 -5.73 -14.10 -19.54
C GLY A 203 -4.79 -13.66 -20.65
N ALA A 204 -4.67 -12.35 -20.87
CA ALA A 204 -3.81 -11.77 -21.92
C ALA A 204 -2.35 -12.13 -21.64
N ALA A 205 -1.96 -12.26 -20.36
CA ALA A 205 -0.60 -12.64 -19.92
C ALA A 205 -0.41 -14.16 -19.97
N ARG A 206 -1.48 -14.90 -20.27
CA ARG A 206 -1.47 -16.38 -20.37
C ARG A 206 -1.04 -16.96 -19.01
N ALA A 207 -1.36 -16.30 -17.91
CA ALA A 207 -0.94 -16.66 -16.53
C ALA A 207 -1.94 -17.65 -15.90
N LEU A 208 -3.14 -17.78 -16.45
CA LEU A 208 -4.28 -18.55 -15.86
C LEU A 208 -4.33 -19.96 -16.44
N SER A 209 -4.67 -20.93 -15.61
CA SER A 209 -5.13 -22.26 -16.09
C SER A 209 -6.33 -22.05 -17.04
N THR A 210 -6.40 -22.84 -18.12
CA THR A 210 -7.52 -22.87 -19.08
C THR A 210 -8.22 -24.23 -19.02
N ARG A 211 -8.15 -24.93 -17.89
CA ARG A 211 -8.79 -26.26 -17.69
C ARG A 211 -10.30 -26.09 -17.41
N ASN A 212 -11.02 -25.47 -18.34
CA ASN A 212 -12.45 -25.11 -18.20
C ASN A 212 -13.30 -26.36 -18.00
N ASP A 213 -12.85 -27.51 -18.50
CA ASP A 213 -13.64 -28.78 -18.47
C ASP A 213 -13.64 -29.37 -17.06
N GLU A 214 -12.64 -29.07 -16.24
CA GLU A 214 -12.49 -29.67 -14.88
C GLU A 214 -11.94 -28.61 -13.93
N PRO A 215 -12.73 -27.55 -13.62
CA PRO A 215 -12.26 -26.45 -12.78
C PRO A 215 -11.66 -26.87 -11.43
N THR A 216 -12.22 -27.88 -10.77
CA THR A 216 -11.76 -28.32 -9.42
C THR A 216 -10.37 -28.96 -9.53
N ARG A 217 -9.96 -29.35 -10.74
CA ARG A 217 -8.65 -30.03 -10.99
C ARG A 217 -7.62 -29.03 -11.54
N ALA A 218 -8.02 -27.80 -11.81
CA ALA A 218 -7.20 -26.79 -12.52
C ALA A 218 -5.99 -26.40 -11.67
N SER A 219 -6.19 -26.12 -10.39
CA SER A 219 -5.14 -25.71 -9.43
C SER A 219 -4.45 -26.96 -8.88
N ARG A 220 -3.25 -27.24 -9.38
CA ARG A 220 -2.56 -28.53 -9.09
C ARG A 220 -1.08 -28.25 -8.86
N PRO A 221 -0.75 -27.51 -7.77
CA PRO A 221 0.64 -27.12 -7.51
C PRO A 221 1.59 -28.32 -7.50
N TRP A 222 2.69 -28.19 -8.24
CA TRP A 222 3.82 -29.16 -8.34
C TRP A 222 3.43 -30.37 -9.19
N ASP A 223 2.21 -30.41 -9.72
CA ASP A 223 1.78 -31.52 -10.60
C ASP A 223 2.32 -31.24 -12.00
N ARG A 224 2.74 -32.26 -12.74
CA ARG A 224 3.42 -32.06 -14.05
C ARG A 224 2.45 -31.46 -15.08
N ASP A 225 1.13 -31.58 -14.89
CA ASP A 225 0.09 -31.13 -15.86
C ASP A 225 -0.46 -29.74 -15.50
N ARG A 226 0.17 -29.02 -14.56
CA ARG A 226 -0.27 -27.65 -14.17
C ARG A 226 -0.08 -26.73 -15.37
N ASP A 227 -0.94 -25.71 -15.47
CA ASP A 227 -0.96 -24.80 -16.65
C ASP A 227 -1.35 -23.38 -16.24
N GLY A 228 -1.07 -22.99 -14.98
CA GLY A 228 -1.23 -21.60 -14.51
C GLY A 228 -2.18 -21.52 -13.33
N PHE A 229 -2.29 -20.34 -12.75
CA PHE A 229 -3.00 -20.18 -11.46
C PHE A 229 -4.49 -20.04 -11.73
N VAL A 230 -5.24 -20.23 -10.65
CA VAL A 230 -6.72 -20.06 -10.62
C VAL A 230 -7.01 -18.79 -9.81
N LEU A 231 -7.75 -17.88 -10.43
CA LEU A 231 -8.08 -16.57 -9.84
C LEU A 231 -9.20 -16.77 -8.81
N SER A 232 -8.99 -16.24 -7.61
CA SER A 232 -9.94 -16.40 -6.49
C SER A 232 -10.12 -15.09 -5.75
N ASP A 233 -11.24 -15.01 -5.05
CA ASP A 233 -11.72 -13.80 -4.35
C ASP A 233 -11.80 -14.09 -2.86
N GLY A 234 -11.72 -13.04 -2.05
CA GLY A 234 -12.02 -13.17 -0.61
C GLY A 234 -11.12 -12.30 0.23
N SER A 235 -10.94 -12.68 1.49
CA SER A 235 -10.31 -11.79 2.48
C SER A 235 -9.85 -12.59 3.68
N GLY A 236 -8.78 -12.12 4.29
CA GLY A 236 -8.30 -12.62 5.60
C GLY A 236 -7.93 -11.44 6.46
N ALA A 237 -8.26 -11.50 7.74
CA ALA A 237 -7.88 -10.51 8.75
C ALA A 237 -7.44 -11.23 10.02
N LEU A 238 -6.38 -10.72 10.62
CA LEU A 238 -5.88 -11.21 11.94
C LEU A 238 -5.85 -10.01 12.88
N VAL A 239 -6.22 -10.24 14.12
CA VAL A 239 -5.94 -9.27 15.19
C VAL A 239 -4.58 -9.65 15.75
N LEU A 240 -3.61 -8.78 15.50
CA LEU A 240 -2.24 -8.87 16.08
CA LEU A 240 -2.24 -8.88 16.08
C LEU A 240 -2.23 -8.06 17.37
N GLU A 241 -1.60 -8.58 18.41
CA GLU A 241 -1.66 -7.95 19.74
C GLU A 241 -0.32 -8.13 20.45
N GLU A 242 0.17 -7.08 21.08
CA GLU A 242 1.36 -7.18 21.95
C GLU A 242 1.06 -8.22 23.04
N LEU A 243 2.05 -9.08 23.32
CA LEU A 243 1.88 -10.26 24.21
C LEU A 243 1.38 -9.80 25.59
N GLU A 244 2.06 -8.84 26.22
CA GLU A 244 1.71 -8.40 27.60
C GLU A 244 0.30 -7.80 27.59
N HIS A 245 -0.09 -7.07 26.55
CA HIS A 245 -1.45 -6.51 26.37
C HIS A 245 -2.46 -7.66 26.33
N ALA A 246 -2.16 -8.71 25.58
CA ALA A 246 -3.05 -9.87 25.43
C ALA A 246 -3.19 -10.59 26.79
N ARG A 247 -2.06 -10.81 27.47
CA ARG A 247 -2.02 -11.51 28.77
C ARG A 247 -2.84 -10.71 29.78
N ALA A 248 -2.67 -9.38 29.79
CA ALA A 248 -3.32 -8.47 30.77
C ALA A 248 -4.85 -8.57 30.69
N ARG A 249 -5.43 -8.82 29.52
CA ARG A 249 -6.90 -8.86 29.36
C ARG A 249 -7.43 -10.30 29.31
N GLY A 250 -6.56 -11.31 29.46
CA GLY A 250 -6.95 -12.73 29.41
C GLY A 250 -7.36 -13.17 28.02
N ALA A 251 -6.72 -12.62 26.99
CA ALA A 251 -7.04 -12.96 25.57
C ALA A 251 -6.74 -14.43 25.32
N ARG A 252 -7.56 -15.08 24.51
CA ARG A 252 -7.20 -16.41 23.92
CA ARG A 252 -7.21 -16.40 23.91
C ARG A 252 -6.15 -16.16 22.82
N ILE A 253 -5.00 -16.79 22.97
CA ILE A 253 -3.86 -16.61 22.02
C ILE A 253 -3.82 -17.84 21.12
N TYR A 254 -3.93 -17.65 19.81
CA TYR A 254 -3.84 -18.77 18.83
C TYR A 254 -2.38 -19.21 18.64
N ALA A 255 -1.46 -18.25 18.59
CA ALA A 255 -0.06 -18.49 18.15
C ALA A 255 0.72 -17.19 18.29
N GLU A 256 2.04 -17.31 18.25
CA GLU A 256 2.94 -16.13 18.25
C GLU A 256 3.48 -15.92 16.84
N LEU A 257 3.55 -14.65 16.44
CA LEU A 257 4.22 -14.23 15.18
CA LEU A 257 4.22 -14.22 15.18
C LEU A 257 5.66 -13.86 15.55
N VAL A 258 6.62 -14.73 15.22
CA VAL A 258 8.02 -14.60 15.70
C VAL A 258 8.95 -14.09 14.60
N GLY A 259 8.57 -14.17 13.33
CA GLY A 259 9.48 -13.88 12.21
C GLY A 259 8.78 -13.25 11.02
N PHE A 260 9.43 -12.26 10.44
CA PHE A 260 8.97 -11.60 9.20
C PHE A 260 10.18 -11.32 8.31
N GLY A 261 10.11 -11.83 7.08
CA GLY A 261 11.12 -11.59 6.05
C GLY A 261 10.51 -10.90 4.85
N MET A 262 11.29 -9.99 4.27
CA MET A 262 11.06 -9.36 2.95
C MET A 262 12.35 -9.51 2.15
N SER A 263 12.21 -9.56 0.84
CA SER A 263 13.34 -9.41 -0.10
C SER A 263 12.75 -9.02 -1.44
N GLY A 264 13.57 -8.39 -2.29
CA GLY A 264 13.29 -8.25 -3.73
C GLY A 264 14.15 -9.21 -4.52
N ASP A 265 13.54 -9.86 -5.50
CA ASP A 265 14.22 -10.69 -6.53
C ASP A 265 15.18 -9.80 -7.33
N ALA A 266 14.77 -8.57 -7.65
CA ALA A 266 15.48 -7.68 -8.60
C ALA A 266 15.78 -8.43 -9.91
N PHE A 267 14.83 -9.21 -10.43
CA PHE A 267 15.04 -10.16 -11.55
C PHE A 267 14.13 -9.80 -12.74
N HIS A 268 12.81 -9.87 -12.55
CA HIS A 268 11.84 -9.74 -13.67
C HIS A 268 10.52 -9.16 -13.15
N MET A 269 9.77 -8.47 -14.02
CA MET A 269 8.50 -7.79 -13.67
C MET A 269 7.51 -8.81 -13.09
N THR A 270 7.47 -10.02 -13.63
CA THR A 270 6.40 -11.01 -13.29
C THR A 270 6.98 -12.38 -12.94
N ALA A 271 8.06 -12.82 -13.57
CA ALA A 271 8.60 -14.20 -13.43
C ALA A 271 9.58 -14.26 -12.26
N PRO A 272 9.56 -15.34 -11.46
CA PRO A 272 10.62 -15.57 -10.46
C PRO A 272 11.87 -16.12 -11.11
N PRO A 273 13.05 -16.00 -10.48
CA PRO A 273 14.25 -16.70 -10.96
C PRO A 273 14.05 -18.22 -10.80
N GLU A 274 14.59 -19.03 -11.71
CA GLU A 274 14.44 -20.51 -11.71
C GLU A 274 14.89 -21.11 -10.37
N ASP A 275 15.92 -20.54 -9.72
CA ASP A 275 16.51 -21.09 -8.47
C ASP A 275 15.81 -20.51 -7.22
N GLY A 276 14.82 -19.65 -7.39
CA GLY A 276 14.08 -19.07 -6.25
C GLY A 276 15.00 -18.31 -5.31
N ALA A 277 16.03 -17.65 -5.82
CA ALA A 277 17.07 -17.01 -4.98
C ALA A 277 16.42 -15.95 -4.05
N GLY A 278 15.46 -15.17 -4.55
CA GLY A 278 14.84 -14.12 -3.71
C GLY A 278 13.98 -14.72 -2.62
N ALA A 279 13.23 -15.78 -2.94
CA ALA A 279 12.39 -16.51 -1.98
C ALA A 279 13.30 -17.12 -0.90
N ALA A 280 14.46 -17.65 -1.29
CA ALA A 280 15.44 -18.23 -0.33
C ALA A 280 15.93 -17.12 0.60
N ARG A 281 16.31 -15.96 0.07
CA ARG A 281 16.82 -14.83 0.88
C ARG A 281 15.75 -14.42 1.89
N CYS A 282 14.50 -14.32 1.42
CA CYS A 282 13.34 -13.90 2.21
C CYS A 282 13.13 -14.86 3.38
N MET A 283 13.09 -16.16 3.10
CA MET A 283 12.90 -17.19 4.17
C MET A 283 14.06 -17.11 5.15
N LYS A 284 15.32 -16.99 4.70
CA LYS A 284 16.48 -16.91 5.63
C LYS A 284 16.35 -15.66 6.50
N ASN A 285 15.94 -14.53 5.91
CA ASN A 285 15.70 -13.28 6.67
C ASN A 285 14.67 -13.55 7.77
N ALA A 286 13.56 -14.21 7.43
CA ALA A 286 12.45 -14.47 8.39
C ALA A 286 12.94 -15.40 9.51
N LEU A 287 13.69 -16.44 9.18
CA LEU A 287 14.18 -17.44 10.17
C LEU A 287 15.18 -16.77 11.12
N ARG A 288 16.09 -15.94 10.59
CA ARG A 288 17.03 -15.17 11.44
C ARG A 288 16.24 -14.21 12.35
N ASP A 289 15.26 -13.50 11.78
CA ASP A 289 14.36 -12.58 12.53
C ASP A 289 13.70 -13.32 13.69
N ALA A 290 13.32 -14.59 13.51
CA ALA A 290 12.64 -15.41 14.54
C ALA A 290 13.63 -16.08 15.51
N GLY A 291 14.94 -15.93 15.32
CA GLY A 291 15.96 -16.53 16.20
C GLY A 291 15.90 -18.04 16.17
N LEU A 292 15.66 -18.61 14.98
CA LEU A 292 15.39 -20.07 14.84
C LEU A 292 16.56 -20.76 14.14
N ASP A 293 16.77 -22.02 14.47
CA ASP A 293 17.45 -23.03 13.62
C ASP A 293 16.49 -23.41 12.51
N PRO A 294 16.87 -23.42 11.20
CA PRO A 294 15.92 -23.76 10.13
C PRO A 294 15.28 -25.13 10.38
N ARG A 295 15.96 -26.01 11.11
CA ARG A 295 15.45 -27.37 11.43
C ARG A 295 14.24 -27.33 12.34
N GLN A 296 13.91 -26.20 12.96
CA GLN A 296 12.71 -26.03 13.80
C GLN A 296 11.45 -25.94 12.93
N VAL A 297 11.57 -25.62 11.63
CA VAL A 297 10.37 -25.48 10.75
C VAL A 297 9.75 -26.87 10.50
N ASP A 298 8.48 -27.03 10.84
CA ASP A 298 7.71 -28.29 10.68
C ASP A 298 6.81 -28.22 9.45
N TYR A 299 6.22 -27.05 9.20
CA TYR A 299 5.18 -26.90 8.15
C TYR A 299 5.43 -25.58 7.42
N ILE A 300 5.35 -25.65 6.09
CA ILE A 300 5.39 -24.47 5.19
C ILE A 300 4.08 -24.44 4.43
N ASN A 301 3.31 -23.38 4.59
CA ASN A 301 2.22 -23.01 3.66
C ASN A 301 2.87 -22.31 2.47
N ALA A 302 3.02 -23.02 1.36
CA ALA A 302 3.75 -22.56 0.17
C ALA A 302 2.98 -21.42 -0.49
N HIS A 303 3.67 -20.66 -1.31
CA HIS A 303 3.00 -19.79 -2.30
C HIS A 303 2.23 -20.73 -3.25
N GLY A 304 2.94 -21.63 -3.91
CA GLY A 304 2.38 -22.79 -4.66
C GLY A 304 1.19 -22.41 -5.52
N THR A 305 1.39 -21.58 -6.55
CA THR A 305 0.27 -20.97 -7.32
C THR A 305 -0.17 -21.84 -8.50
N SER A 306 0.55 -22.93 -8.79
CA SER A 306 0.24 -23.87 -9.90
C SER A 306 0.73 -23.30 -11.24
N THR A 307 1.81 -22.51 -11.25
CA THR A 307 2.48 -22.05 -12.50
C THR A 307 3.68 -22.97 -12.74
N PRO A 308 3.98 -23.35 -14.00
CA PRO A 308 5.14 -24.20 -14.29
C PRO A 308 6.46 -23.71 -13.65
N ALA A 309 6.80 -22.44 -13.82
CA ALA A 309 8.09 -21.86 -13.32
C ALA A 309 8.04 -21.65 -11.81
N GLY A 310 6.95 -21.07 -11.31
CA GLY A 310 6.80 -20.66 -9.89
C GLY A 310 6.93 -21.83 -8.93
N ASP A 311 6.21 -22.92 -9.19
CA ASP A 311 6.16 -24.06 -8.26
C ASP A 311 7.57 -24.65 -8.12
N ILE A 312 8.31 -24.76 -9.24
CA ILE A 312 9.69 -25.36 -9.26
C ILE A 312 10.66 -24.44 -8.53
N ALA A 313 10.60 -23.14 -8.79
CA ALA A 313 11.44 -22.12 -8.13
C ALA A 313 11.27 -22.25 -6.62
N GLU A 314 10.04 -22.48 -6.15
CA GLU A 314 9.73 -22.58 -4.71
C GLU A 314 10.35 -23.86 -4.13
N ILE A 315 10.31 -24.99 -4.83
CA ILE A 315 11.01 -26.24 -4.39
C ILE A 315 12.51 -25.93 -4.25
N ALA A 316 13.10 -25.26 -5.23
CA ALA A 316 14.54 -24.95 -5.26
C ALA A 316 14.89 -24.08 -4.04
N ALA A 317 14.08 -23.06 -3.76
CA ALA A 317 14.27 -22.14 -2.61
C ALA A 317 14.23 -22.92 -1.31
N VAL A 318 13.23 -23.80 -1.13
CA VAL A 318 13.07 -24.57 0.14
C VAL A 318 14.26 -25.52 0.29
N LYS A 319 14.67 -26.21 -0.78
CA LYS A 319 15.86 -27.11 -0.75
C LYS A 319 17.11 -26.31 -0.38
N SER A 320 17.28 -25.12 -0.93
CA SER A 320 18.47 -24.26 -0.67
CA SER A 320 18.47 -24.25 -0.67
C SER A 320 18.47 -23.85 0.82
N VAL A 321 17.32 -23.43 1.33
CA VAL A 321 17.22 -22.93 2.73
C VAL A 321 17.37 -24.06 3.74
N PHE A 322 16.72 -25.20 3.51
CA PHE A 322 16.55 -26.23 4.56
C PHE A 322 17.46 -27.44 4.37
N GLY A 323 18.15 -27.56 3.22
CA GLY A 323 19.08 -28.68 2.96
C GLY A 323 18.39 -30.00 3.26
N GLU A 324 19.02 -30.89 4.04
CA GLU A 324 18.45 -32.23 4.32
C GLU A 324 17.10 -32.08 5.04
N HIS A 325 16.95 -31.07 5.89
CA HIS A 325 15.70 -30.85 6.66
C HIS A 325 14.52 -30.60 5.69
N ALA A 326 14.79 -30.23 4.43
CA ALA A 326 13.73 -30.06 3.41
C ALA A 326 12.90 -31.34 3.31
N HIS A 327 13.50 -32.50 3.64
CA HIS A 327 12.87 -33.85 3.55
C HIS A 327 12.12 -34.22 4.84
N ALA A 328 12.28 -33.47 5.94
CA ALA A 328 11.63 -33.73 7.24
C ALA A 328 10.37 -32.86 7.40
N LEU A 329 10.41 -31.59 6.99
CA LEU A 329 9.23 -30.69 7.08
C LEU A 329 8.13 -31.15 6.10
N SER A 330 6.93 -30.64 6.29
CA SER A 330 5.80 -30.79 5.36
C SER A 330 5.51 -29.42 4.75
N MET A 331 5.28 -29.39 3.44
CA MET A 331 4.95 -28.16 2.70
C MET A 331 3.71 -28.45 1.85
N SER A 332 2.71 -27.59 1.91
CA SER A 332 1.50 -27.76 1.07
C SER A 332 1.05 -26.41 0.54
N SER A 333 0.34 -26.45 -0.57
CA SER A 333 -0.32 -25.28 -1.17
C SER A 333 -1.83 -25.45 -0.98
N THR A 334 -2.40 -24.65 -0.09
CA THR A 334 -3.86 -24.57 0.10
C THR A 334 -4.51 -23.94 -1.15
N LYS A 335 -3.72 -23.29 -2.01
CA LYS A 335 -4.24 -22.76 -3.32
C LYS A 335 -4.75 -23.90 -4.21
N SER A 336 -4.28 -25.13 -4.00
CA SER A 336 -4.86 -26.33 -4.63
C SER A 336 -6.38 -26.36 -4.43
N MET A 337 -6.87 -25.85 -3.31
CA MET A 337 -8.31 -25.85 -2.94
C MET A 337 -8.94 -24.47 -3.13
N THR A 338 -8.24 -23.40 -2.76
CA THR A 338 -8.85 -22.04 -2.66
C THR A 338 -8.61 -21.29 -3.96
N GLY A 339 -7.66 -21.73 -4.79
CA GLY A 339 -7.10 -20.91 -5.85
C GLY A 339 -6.28 -19.78 -5.24
N HIS A 340 -5.89 -18.82 -6.07
CA HIS A 340 -4.99 -17.69 -5.75
C HIS A 340 -5.83 -16.45 -5.45
N LEU A 341 -5.93 -16.07 -4.16
CA LEU A 341 -6.69 -14.87 -3.72
C LEU A 341 -5.83 -13.61 -3.86
N LEU A 342 -4.70 -13.70 -4.55
CA LEU A 342 -3.85 -12.56 -4.94
C LEU A 342 -3.45 -11.80 -3.66
N GLY A 343 -3.87 -10.55 -3.49
CA GLY A 343 -3.51 -9.73 -2.32
C GLY A 343 -4.02 -10.32 -1.01
N ALA A 344 -5.07 -11.14 -1.05
CA ALA A 344 -5.65 -11.75 0.16
C ALA A 344 -4.99 -13.11 0.40
N ALA A 345 -4.22 -13.66 -0.55
CA ALA A 345 -3.62 -15.01 -0.45
C ALA A 345 -2.83 -15.14 0.87
N GLY A 346 -1.95 -14.19 1.16
CA GLY A 346 -1.07 -14.25 2.34
C GLY A 346 -1.86 -14.14 3.63
N ALA A 347 -3.00 -13.46 3.60
CA ALA A 347 -3.85 -13.23 4.78
C ALA A 347 -4.56 -14.55 5.11
N VAL A 348 -5.23 -15.15 4.14
CA VAL A 348 -5.95 -16.43 4.40
C VAL A 348 -4.92 -17.51 4.73
N GLU A 349 -3.75 -17.49 4.10
CA GLU A 349 -2.72 -18.54 4.31
C GLU A 349 -2.01 -18.36 5.65
N ALA A 350 -1.85 -17.13 6.15
CA ALA A 350 -1.42 -16.89 7.55
C ALA A 350 -2.42 -17.57 8.49
N ILE A 351 -3.71 -17.41 8.23
CA ILE A 351 -4.77 -18.02 9.09
C ILE A 351 -4.65 -19.54 9.02
N PHE A 352 -4.47 -20.11 7.83
CA PHE A 352 -4.34 -21.57 7.68
C PHE A 352 -3.07 -22.07 8.41
N SER A 353 -1.98 -21.30 8.38
CA SER A 353 -0.73 -21.63 9.09
C SER A 353 -0.96 -21.63 10.61
N VAL A 354 -1.69 -20.64 11.11
CA VAL A 354 -2.03 -20.54 12.56
C VAL A 354 -2.89 -21.74 12.95
N LEU A 355 -3.89 -22.10 12.13
CA LEU A 355 -4.80 -23.23 12.45
C LEU A 355 -4.04 -24.56 12.33
N ALA A 356 -3.05 -24.67 11.44
CA ALA A 356 -2.14 -25.83 11.35
C ALA A 356 -1.42 -26.01 12.70
N LEU A 357 -0.96 -24.92 13.31
CA LEU A 357 -0.36 -24.95 14.68
C LEU A 357 -1.42 -25.36 15.71
N ARG A 358 -2.63 -24.81 15.63
CA ARG A 358 -3.68 -25.07 16.65
C ARG A 358 -4.03 -26.56 16.61
N ASP A 359 -4.26 -27.11 15.42
CA ASP A 359 -4.88 -28.46 15.27
C ASP A 359 -3.82 -29.53 15.00
N GLN A 360 -2.55 -29.15 14.83
CA GLN A 360 -1.41 -30.09 14.60
C GLN A 360 -1.69 -30.95 13.37
N VAL A 361 -2.03 -30.30 12.27
CA VAL A 361 -2.34 -30.98 10.98
C VAL A 361 -1.80 -30.11 9.85
N ALA A 362 -1.11 -30.73 8.90
CA ALA A 362 -0.69 -30.07 7.64
C ALA A 362 -1.84 -30.23 6.64
N PRO A 363 -2.39 -29.11 6.14
CA PRO A 363 -3.40 -29.18 5.09
C PRO A 363 -2.83 -29.82 3.84
N PRO A 364 -3.70 -30.44 3.01
CA PRO A 364 -3.25 -31.16 1.81
C PRO A 364 -2.94 -30.21 0.63
N THR A 365 -2.09 -30.67 -0.26
CA THR A 365 -2.05 -30.20 -1.66
C THR A 365 -2.95 -31.15 -2.46
N ILE A 366 -4.20 -30.78 -2.75
CA ILE A 366 -5.07 -31.65 -3.59
C ILE A 366 -4.57 -31.57 -5.04
N ASN A 367 -4.98 -32.53 -5.88
CA ASN A 367 -4.68 -32.55 -7.33
C ASN A 367 -3.22 -32.91 -7.62
N LEU A 368 -2.42 -33.25 -6.60
CA LEU A 368 -0.98 -33.58 -6.82
C LEU A 368 -0.89 -35.06 -7.25
N ASP A 369 -1.40 -35.37 -8.44
CA ASP A 369 -1.52 -36.77 -8.94
C ASP A 369 -0.14 -37.27 -9.37
N ASN A 370 0.65 -36.42 -10.02
CA ASN A 370 1.95 -36.79 -10.64
C ASN A 370 2.94 -35.67 -10.38
N PRO A 371 3.63 -35.67 -9.22
CA PRO A 371 4.63 -34.65 -8.93
C PRO A 371 5.64 -34.49 -10.08
N ASP A 372 6.00 -33.24 -10.40
CA ASP A 372 6.94 -32.93 -11.50
C ASP A 372 8.36 -33.34 -11.08
N GLU A 373 9.30 -33.25 -12.02
CA GLU A 373 10.74 -33.53 -11.82
C GLU A 373 11.24 -32.71 -10.63
N GLY A 374 11.86 -33.37 -9.65
CA GLY A 374 12.51 -32.72 -8.50
C GLY A 374 11.52 -32.23 -7.44
N CYS A 375 10.22 -32.48 -7.61
CA CYS A 375 9.16 -32.16 -6.63
C CYS A 375 8.98 -33.35 -5.70
N ASP A 376 10.04 -33.68 -4.96
CA ASP A 376 10.20 -34.96 -4.22
C ASP A 376 10.18 -34.70 -2.70
N LEU A 377 9.65 -33.55 -2.27
CA LEU A 377 9.48 -33.23 -0.83
C LEU A 377 8.16 -33.84 -0.35
N ASP A 378 7.90 -33.78 0.95
CA ASP A 378 6.58 -34.08 1.51
C ASP A 378 5.67 -32.88 1.18
N LEU A 379 4.88 -33.00 0.11
CA LEU A 379 3.96 -31.91 -0.35
C LEU A 379 2.53 -32.22 0.09
N VAL A 380 2.37 -33.18 0.99
CA VAL A 380 1.07 -33.55 1.62
C VAL A 380 0.04 -33.78 0.51
N ALA A 381 0.37 -34.59 -0.48
CA ALA A 381 -0.50 -34.91 -1.63
C ALA A 381 -1.83 -35.48 -1.10
N HIS A 382 -2.93 -34.90 -1.59
CA HIS A 382 -4.32 -35.47 -1.59
C HIS A 382 -5.03 -35.28 -0.24
N GLU A 383 -4.39 -35.61 0.89
CA GLU A 383 -5.08 -35.73 2.21
C GLU A 383 -4.31 -35.04 3.32
N ALA A 384 -5.05 -34.43 4.25
CA ALA A 384 -4.50 -33.72 5.42
C ALA A 384 -3.62 -34.70 6.19
N LYS A 385 -2.52 -34.23 6.75
CA LYS A 385 -1.59 -35.09 7.52
C LYS A 385 -1.41 -34.54 8.92
N PRO A 386 -2.03 -35.18 9.94
CA PRO A 386 -1.70 -34.93 11.34
C PRO A 386 -0.20 -35.13 11.56
N ARG A 387 0.45 -34.18 12.23
CA ARG A 387 1.90 -34.21 12.51
C ARG A 387 2.23 -33.15 13.54
N LYS A 388 3.44 -33.23 14.10
CA LYS A 388 3.97 -32.25 15.06
C LYS A 388 4.23 -30.97 14.27
N ILE A 389 3.65 -29.86 14.69
CA ILE A 389 3.94 -28.53 14.09
C ILE A 389 4.17 -27.55 15.26
N ASP A 390 5.44 -27.23 15.53
CA ASP A 390 5.80 -26.19 16.52
C ASP A 390 5.99 -24.87 15.78
N VAL A 391 6.53 -24.90 14.57
CA VAL A 391 6.86 -23.68 13.77
C VAL A 391 6.27 -23.88 12.37
N ALA A 392 5.49 -22.90 11.92
CA ALA A 392 4.86 -22.85 10.58
C ALA A 392 5.30 -21.58 9.88
N LEU A 393 5.70 -21.71 8.61
N LEU A 393 5.76 -21.72 8.63
CA LEU A 393 6.16 -20.62 7.73
CA LEU A 393 6.17 -20.63 7.71
C LEU A 393 5.09 -20.43 6.66
C LEU A 393 5.06 -20.44 6.68
N SER A 394 4.75 -19.19 6.33
CA SER A 394 3.85 -18.87 5.19
C SER A 394 4.61 -17.99 4.22
N ASN A 395 4.71 -18.43 2.96
CA ASN A 395 5.45 -17.72 1.89
C ASN A 395 4.46 -17.09 0.91
N SER A 396 4.80 -15.89 0.43
CA SER A 396 4.09 -15.18 -0.66
C SER A 396 5.16 -14.53 -1.54
N PHE A 397 5.00 -14.68 -2.86
CA PHE A 397 5.86 -14.08 -3.90
C PHE A 397 4.94 -13.36 -4.88
N GLY A 398 5.37 -12.23 -5.41
CA GLY A 398 4.49 -11.40 -6.25
C GLY A 398 5.22 -10.68 -7.35
N PHE A 399 4.44 -10.11 -8.27
CA PHE A 399 4.94 -9.24 -9.35
C PHE A 399 5.84 -8.17 -8.75
N GLY A 400 6.86 -7.75 -9.50
CA GLY A 400 7.88 -6.79 -9.07
C GLY A 400 8.97 -7.49 -8.29
N GLY A 401 8.93 -8.82 -8.20
CA GLY A 401 9.93 -9.62 -7.46
C GLY A 401 9.79 -9.44 -5.96
N THR A 402 8.59 -9.12 -5.49
CA THR A 402 8.31 -8.89 -4.06
C THR A 402 8.17 -10.24 -3.35
N ASN A 403 8.86 -10.43 -2.24
CA ASN A 403 8.81 -11.69 -1.45
C ASN A 403 8.45 -11.34 0.00
N GLY A 404 7.63 -12.17 0.62
CA GLY A 404 7.33 -12.06 2.06
C GLY A 404 7.25 -13.42 2.70
N THR A 405 7.76 -13.54 3.92
CA THR A 405 7.66 -14.78 4.74
C THR A 405 7.21 -14.38 6.15
N LEU A 406 6.23 -15.10 6.67
CA LEU A 406 5.85 -15.01 8.09
C LEU A 406 6.17 -16.33 8.78
N VAL A 407 6.70 -16.21 9.98
CA VAL A 407 7.02 -17.39 10.83
C VAL A 407 6.16 -17.32 12.08
N PHE A 408 5.33 -18.34 12.30
CA PHE A 408 4.42 -18.49 13.46
C PHE A 408 4.92 -19.67 14.30
N ARG A 409 4.70 -19.61 15.61
CA ARG A 409 5.03 -20.74 16.49
C ARG A 409 3.94 -20.90 17.56
N ARG A 410 3.79 -22.12 18.06
CA ARG A 410 2.85 -22.43 19.16
C ARG A 410 3.17 -21.51 20.34
N PHE A 411 2.13 -21.05 21.01
CA PHE A 411 2.24 -20.26 22.26
C PHE A 411 1.55 -21.04 23.38
N ALA A 412 2.26 -21.32 24.48
CA ALA A 412 1.77 -22.03 25.70
C ALA A 412 0.66 -21.22 26.39
N SER B 1 18.90 4.59 20.84
CA SER B 1 18.62 3.13 20.72
C SER B 1 18.42 2.77 19.25
N ARG B 2 17.52 3.47 18.55
CA ARG B 2 17.28 3.28 17.10
C ARG B 2 18.32 4.11 16.32
N ARG B 3 18.50 3.78 15.05
CA ARG B 3 19.53 4.46 14.22
C ARG B 3 18.93 5.75 13.66
N ARG B 4 19.80 6.72 13.38
CA ARG B 4 19.41 8.02 12.82
C ARG B 4 19.31 7.88 11.30
N VAL B 5 18.40 8.67 10.73
CA VAL B 5 18.01 8.59 9.30
C VAL B 5 18.15 9.99 8.70
N VAL B 6 18.90 10.07 7.61
CA VAL B 6 19.16 11.38 6.93
C VAL B 6 18.71 11.27 5.46
N ILE B 7 18.49 12.42 4.86
CA ILE B 7 18.10 12.54 3.43
C ILE B 7 19.35 12.88 2.65
N THR B 8 19.75 12.02 1.71
CA THR B 8 20.98 12.24 0.90
C THR B 8 20.69 12.43 -0.58
N GLY B 9 19.45 12.24 -1.02
CA GLY B 9 19.10 12.42 -2.43
C GLY B 9 17.62 12.73 -2.57
N MET B 10 17.27 13.59 -3.52
CA MET B 10 15.86 13.93 -3.79
C MET B 10 15.64 13.99 -5.30
N GLY B 11 14.44 13.63 -5.73
CA GLY B 11 14.02 13.69 -7.14
C GLY B 11 12.55 13.99 -7.27
N MET B 12 12.15 14.59 -8.39
CA MET B 12 10.77 15.12 -8.48
C MET B 12 10.38 15.33 -9.94
N LEU B 13 9.12 15.00 -10.25
CA LEU B 13 8.36 15.64 -11.35
C LEU B 13 7.19 16.39 -10.71
N SER B 14 6.94 17.63 -11.13
CA SER B 14 5.80 18.42 -10.59
C SER B 14 5.25 19.32 -11.68
N PRO B 15 4.08 19.95 -11.44
CA PRO B 15 3.57 20.97 -12.35
C PRO B 15 4.49 22.19 -12.50
N LEU B 16 5.50 22.32 -11.64
CA LEU B 16 6.44 23.47 -11.68
C LEU B 16 7.77 23.10 -12.35
N GLY B 17 8.05 21.81 -12.57
CA GLY B 17 9.38 21.43 -13.08
C GLY B 17 9.60 19.96 -13.22
N LEU B 18 10.57 19.59 -14.08
CA LEU B 18 10.92 18.18 -14.34
C LEU B 18 12.02 17.70 -13.40
N ASP B 19 12.40 18.50 -12.40
CA ASP B 19 13.38 18.07 -11.37
C ASP B 19 13.16 18.92 -10.12
N VAL B 20 13.96 18.68 -9.09
CA VAL B 20 13.80 19.38 -7.78
C VAL B 20 14.18 20.86 -7.92
N PRO B 21 15.38 21.21 -8.45
N PRO B 21 15.38 21.22 -8.44
CA PRO B 21 15.80 22.61 -8.51
CA PRO B 21 15.79 22.62 -8.52
C PRO B 21 14.81 23.50 -9.29
C PRO B 21 14.82 23.52 -9.31
N SER B 22 14.31 23.03 -10.43
CA SER B 22 13.35 23.80 -11.26
C SER B 22 12.02 23.97 -10.49
N SER B 23 11.54 22.90 -9.84
CA SER B 23 10.30 22.95 -9.02
C SER B 23 10.48 23.95 -7.87
N TRP B 24 11.59 23.86 -7.14
CA TRP B 24 11.87 24.70 -5.95
C TRP B 24 11.99 26.18 -6.35
N GLU B 25 12.62 26.44 -7.49
CA GLU B 25 12.72 27.81 -8.05
C GLU B 25 11.29 28.35 -8.27
N GLY B 26 10.41 27.55 -8.85
CA GLY B 26 8.98 27.92 -9.02
C GLY B 26 8.29 28.20 -7.70
N ILE B 27 8.50 27.34 -6.71
CA ILE B 27 7.90 27.49 -5.36
C ILE B 27 8.31 28.84 -4.76
N LEU B 28 9.61 29.15 -4.76
CA LEU B 28 10.11 30.37 -4.08
C LEU B 28 9.71 31.61 -4.89
N ALA B 29 9.42 31.46 -6.18
CA ALA B 29 8.99 32.56 -7.07
C ALA B 29 7.47 32.80 -6.96
N GLY B 30 6.74 31.93 -6.26
CA GLY B 30 5.27 32.07 -6.18
C GLY B 30 4.59 31.72 -7.49
N ARG B 31 5.23 30.91 -8.33
CA ARG B 31 4.69 30.54 -9.66
C ARG B 31 3.63 29.44 -9.50
N SER B 32 2.57 29.50 -10.30
CA SER B 32 1.52 28.45 -10.39
C SER B 32 1.87 27.49 -11.53
N GLY B 33 1.65 26.18 -11.33
CA GLY B 33 1.79 25.18 -12.41
C GLY B 33 0.43 24.69 -12.90
N ILE B 34 -0.64 25.44 -12.58
CA ILE B 34 -2.03 25.03 -12.89
C ILE B 34 -2.42 25.66 -14.23
N ALA B 35 -3.02 24.86 -15.10
CA ALA B 35 -3.42 25.28 -16.46
C ALA B 35 -4.55 24.42 -16.96
N PRO B 36 -5.32 24.90 -17.96
CA PRO B 36 -6.28 24.07 -18.66
C PRO B 36 -5.57 22.79 -19.14
N ILE B 37 -6.21 21.64 -18.95
CA ILE B 37 -5.70 20.30 -19.37
C ILE B 37 -5.80 20.21 -20.90
N GLU B 38 -4.73 19.73 -21.55
CA GLU B 38 -4.60 19.69 -23.03
C GLU B 38 -4.71 18.25 -23.56
N HIS B 39 -4.47 17.25 -22.71
CA HIS B 39 -4.24 15.86 -23.18
C HIS B 39 -5.57 15.10 -23.30
N MET B 40 -6.73 15.73 -23.07
CA MET B 40 -8.04 15.03 -23.17
C MET B 40 -9.22 15.99 -23.36
N ASP B 41 -10.33 15.49 -23.91
CA ASP B 41 -11.60 16.23 -24.13
C ASP B 41 -12.36 16.31 -22.79
N LEU B 42 -12.42 17.49 -22.18
CA LEU B 42 -13.07 17.70 -20.86
C LEU B 42 -14.40 18.45 -21.04
N SER B 43 -15.01 18.37 -22.22
CA SER B 43 -16.21 19.19 -22.56
CA SER B 43 -16.22 19.15 -22.58
C SER B 43 -17.33 18.93 -21.55
N ALA B 44 -17.56 17.68 -21.17
CA ALA B 44 -18.66 17.27 -20.26
C ALA B 44 -18.32 17.54 -18.79
N TYR B 45 -17.12 18.04 -18.48
CA TYR B 45 -16.58 18.12 -17.09
C TYR B 45 -16.74 19.53 -16.51
N SER B 46 -17.00 19.63 -15.21
CA SER B 46 -17.18 20.91 -14.48
C SER B 46 -15.82 21.49 -14.07
N THR B 47 -14.75 20.69 -14.13
CA THR B 47 -13.34 21.14 -13.92
C THR B 47 -12.51 20.74 -15.15
N ARG B 48 -11.82 21.70 -15.75
CA ARG B 48 -11.13 21.51 -17.06
C ARG B 48 -9.66 21.90 -16.93
N PHE B 49 -9.16 22.04 -15.70
CA PHE B 49 -7.77 22.44 -15.42
C PHE B 49 -7.21 21.57 -14.30
N GLY B 50 -5.90 21.68 -14.11
CA GLY B 50 -5.11 20.87 -13.16
C GLY B 50 -3.64 21.18 -13.28
N GLY B 51 -2.81 20.50 -12.49
CA GLY B 51 -1.35 20.59 -12.57
C GLY B 51 -0.80 19.42 -13.33
N SER B 52 -0.52 19.60 -14.61
CA SER B 52 0.08 18.57 -15.49
C SER B 52 1.61 18.66 -15.39
N VAL B 53 2.28 17.52 -15.56
CA VAL B 53 3.74 17.53 -15.81
C VAL B 53 3.93 17.96 -17.26
N LYS B 54 4.68 19.03 -17.49
CA LYS B 54 4.87 19.62 -18.84
C LYS B 54 6.24 19.20 -19.39
N GLY B 55 6.25 18.51 -20.52
CA GLY B 55 7.48 18.23 -21.30
C GLY B 55 8.24 17.00 -20.81
N PHE B 56 7.59 16.07 -20.11
CA PHE B 56 8.24 14.86 -19.54
C PHE B 56 8.72 13.96 -20.69
N ASN B 57 9.97 13.54 -20.65
CA ASN B 57 10.55 12.62 -21.65
C ASN B 57 10.99 11.35 -20.91
N VAL B 58 10.14 10.34 -20.93
CA VAL B 58 10.41 9.04 -20.23
C VAL B 58 11.65 8.40 -20.85
N GLU B 59 12.00 8.73 -22.10
CA GLU B 59 13.15 8.12 -22.80
C GLU B 59 14.47 8.62 -22.21
N GLU B 60 14.48 9.61 -21.32
CA GLU B 60 15.70 9.94 -20.52
C GLU B 60 15.96 8.85 -19.47
N TYR B 61 14.99 7.95 -19.21
CA TYR B 61 15.02 7.00 -18.08
C TYR B 61 14.92 5.57 -18.60
N LEU B 62 14.00 5.35 -19.54
CA LEU B 62 13.63 4.02 -20.06
C LEU B 62 13.70 4.03 -21.60
N SER B 63 13.91 2.87 -22.21
CA SER B 63 13.65 2.69 -23.66
C SER B 63 12.15 2.93 -23.91
N ALA B 64 11.77 3.40 -25.11
CA ALA B 64 10.36 3.55 -25.54
C ALA B 64 9.60 2.24 -25.26
N LYS B 65 10.25 1.11 -25.54
CA LYS B 65 9.60 -0.22 -25.45
C LYS B 65 9.26 -0.57 -24.00
N GLU B 66 10.18 -0.32 -23.07
CA GLU B 66 9.93 -0.56 -21.62
C GLU B 66 8.86 0.40 -21.12
N ALA B 67 8.91 1.67 -21.53
CA ALA B 67 7.96 2.71 -21.09
C ALA B 67 6.53 2.34 -21.50
N ARG B 68 6.37 1.71 -22.67
CA ARG B 68 5.04 1.35 -23.24
C ARG B 68 4.36 0.32 -22.32
N LYS B 69 5.11 -0.37 -21.48
CA LYS B 69 4.57 -1.40 -20.55
C LYS B 69 3.98 -0.74 -19.30
N LEU B 70 4.20 0.56 -19.06
CA LEU B 70 4.02 1.17 -17.71
C LEU B 70 3.05 2.34 -17.79
N ASP B 71 2.08 2.36 -16.87
CA ASP B 71 1.19 3.54 -16.67
C ASP B 71 2.07 4.76 -16.40
N LEU B 72 1.57 5.95 -16.75
CA LEU B 72 2.24 7.25 -16.47
C LEU B 72 2.65 7.34 -14.99
N PHE B 73 1.80 6.90 -14.05
CA PHE B 73 2.14 7.08 -12.62
C PHE B 73 3.42 6.28 -12.30
N ILE B 74 3.64 5.14 -12.95
CA ILE B 74 4.88 4.34 -12.74
C ILE B 74 6.06 5.05 -13.42
N GLN B 75 5.88 5.57 -14.64
CA GLN B 75 6.94 6.35 -15.32
C GLN B 75 7.35 7.52 -14.43
N TYR B 76 6.38 8.25 -13.86
CA TYR B 76 6.68 9.43 -13.02
C TYR B 76 7.46 8.99 -11.76
N GLY B 77 7.03 7.89 -11.13
CA GLY B 77 7.68 7.38 -9.92
C GLY B 77 9.12 6.96 -10.18
N LEU B 78 9.34 6.28 -11.31
CA LEU B 78 10.69 5.83 -11.71
C LEU B 78 11.56 7.05 -12.01
N ALA B 79 11.04 8.06 -12.71
CA ALA B 79 11.84 9.27 -13.03
C ALA B 79 12.32 9.92 -11.73
N ALA B 80 11.43 10.13 -10.75
CA ALA B 80 11.77 10.76 -9.45
C ALA B 80 12.78 9.88 -8.71
N SER B 81 12.59 8.57 -8.75
CA SER B 81 13.45 7.57 -8.05
C SER B 81 14.86 7.59 -8.66
N PHE B 82 14.98 7.56 -9.98
CA PHE B 82 16.30 7.57 -10.64
C PHE B 82 17.02 8.89 -10.32
N GLN B 83 16.29 10.01 -10.38
CA GLN B 83 16.81 11.34 -10.00
C GLN B 83 17.39 11.30 -8.58
N ALA B 84 16.60 10.82 -7.61
CA ALA B 84 16.97 10.78 -6.17
C ALA B 84 18.22 9.93 -5.99
N VAL B 85 18.27 8.75 -6.60
CA VAL B 85 19.45 7.84 -6.45
C VAL B 85 20.70 8.52 -7.05
N ARG B 86 20.59 9.10 -8.25
CA ARG B 86 21.70 9.85 -8.87
C ARG B 86 22.13 10.99 -7.95
N ASP B 87 21.16 11.75 -7.41
CA ASP B 87 21.41 12.92 -6.54
C ASP B 87 22.18 12.46 -5.29
N SER B 88 21.94 11.26 -4.79
CA SER B 88 22.56 10.72 -3.55
C SER B 88 24.03 10.34 -3.76
N GLY B 89 24.43 10.02 -5.00
CA GLY B 89 25.76 9.47 -5.35
C GLY B 89 25.96 8.04 -4.85
N LEU B 90 24.91 7.38 -4.35
CA LEU B 90 24.98 6.00 -3.82
C LEU B 90 25.47 5.05 -4.91
N GLU B 91 26.44 4.20 -4.56
CA GLU B 91 26.95 3.10 -5.41
C GLU B 91 26.39 1.79 -4.84
N VAL B 92 25.51 1.15 -5.62
CA VAL B 92 24.95 -0.19 -5.32
C VAL B 92 25.98 -1.24 -5.72
N THR B 93 26.29 -2.14 -4.79
CA THR B 93 27.30 -3.20 -4.95
C THR B 93 26.72 -4.53 -4.46
N ASP B 94 27.39 -5.61 -4.82
CA ASP B 94 27.12 -6.94 -4.22
C ASP B 94 27.18 -6.87 -2.70
N ALA B 95 28.05 -6.03 -2.12
CA ALA B 95 28.24 -5.94 -0.66
C ALA B 95 27.02 -5.27 0.02
N ASN B 96 26.25 -4.41 -0.66
CA ASN B 96 25.21 -3.61 0.03
C ASN B 96 23.81 -3.79 -0.58
N ARG B 97 23.64 -4.52 -1.69
CA ARG B 97 22.36 -4.47 -2.46
C ARG B 97 21.22 -5.06 -1.62
N GLU B 98 21.51 -5.93 -0.66
CA GLU B 98 20.48 -6.54 0.20
C GLU B 98 20.02 -5.54 1.27
N ARG B 99 20.73 -4.42 1.43
CA ARG B 99 20.48 -3.41 2.50
C ARG B 99 19.83 -2.16 1.89
N ILE B 100 19.50 -2.19 0.60
CA ILE B 100 18.87 -1.06 -0.14
C ILE B 100 17.51 -1.52 -0.66
N GLY B 101 16.47 -0.83 -0.21
CA GLY B 101 15.09 -1.16 -0.55
C GLY B 101 14.38 0.03 -1.15
N VAL B 102 13.10 -0.14 -1.41
CA VAL B 102 12.29 0.89 -2.09
C VAL B 102 10.86 0.78 -1.59
N SER B 103 10.26 1.93 -1.29
CA SER B 103 8.83 2.07 -0.93
C SER B 103 8.30 3.32 -1.61
N MET B 104 7.86 3.17 -2.84
CA MET B 104 7.23 4.24 -3.64
C MET B 104 5.75 3.86 -3.79
N GLY B 105 4.85 4.75 -3.41
CA GLY B 105 3.42 4.42 -3.42
C GLY B 105 2.65 5.27 -4.40
N SER B 106 1.36 5.06 -4.40
CA SER B 106 0.37 5.85 -5.16
C SER B 106 -0.97 5.80 -4.42
N GLY B 107 -1.76 6.86 -4.56
CA GLY B 107 -3.12 6.92 -3.97
C GLY B 107 -4.10 6.12 -4.81
N ILE B 108 -4.04 6.30 -6.12
CA ILE B 108 -5.07 5.85 -7.09
C ILE B 108 -4.46 4.92 -8.15
N GLY B 109 -3.14 4.97 -8.37
CA GLY B 109 -2.45 4.10 -9.34
C GLY B 109 -2.96 4.28 -10.75
N GLY B 110 -3.13 3.19 -11.49
CA GLY B 110 -3.09 3.17 -12.96
C GLY B 110 -4.43 3.45 -13.63
N LEU B 111 -5.08 4.57 -13.30
CA LEU B 111 -6.41 4.94 -13.87
C LEU B 111 -6.33 5.12 -15.38
N THR B 112 -5.29 5.78 -15.90
CA THR B 112 -5.14 6.01 -17.37
C THR B 112 -5.02 4.65 -18.08
N ASN B 113 -4.16 3.76 -17.60
CA ASN B 113 -4.01 2.38 -18.16
C ASN B 113 -5.37 1.66 -18.10
N ILE B 114 -6.10 1.79 -16.99
CA ILE B 114 -7.39 1.05 -16.80
C ILE B 114 -8.40 1.59 -17.82
N GLU B 115 -8.43 2.89 -18.00
CA GLU B 115 -9.33 3.60 -18.96
C GLU B 115 -9.03 3.06 -20.37
N ASN B 116 -7.75 3.02 -20.73
CA ASN B 116 -7.31 2.62 -22.09
C ASN B 116 -7.71 1.16 -22.34
N ASN B 117 -7.50 0.29 -21.36
CA ASN B 117 -7.77 -1.17 -21.52
C ASN B 117 -9.29 -1.39 -21.46
N CYS B 118 -10.01 -0.64 -20.64
CA CYS B 118 -11.48 -0.56 -20.66
C CYS B 118 -12.02 -0.33 -22.06
N ARG B 119 -11.49 0.67 -22.75
CA ARG B 119 -11.91 1.04 -24.13
C ARG B 119 -11.77 -0.20 -25.02
N SER B 120 -10.61 -0.83 -25.03
CA SER B 120 -10.33 -2.05 -25.83
C SER B 120 -11.32 -3.16 -25.45
N LEU B 121 -11.54 -3.39 -24.15
CA LEU B 121 -12.42 -4.47 -23.63
C LEU B 121 -13.86 -4.27 -24.13
N PHE B 122 -14.39 -3.06 -24.00
CA PHE B 122 -15.82 -2.75 -24.31
C PHE B 122 -16.04 -2.75 -25.82
N GLU B 123 -15.09 -2.21 -26.61
CA GLU B 123 -15.24 -2.05 -28.07
C GLU B 123 -14.92 -3.37 -28.79
N GLN B 124 -13.91 -4.13 -28.33
CA GLN B 124 -13.37 -5.28 -29.10
C GLN B 124 -13.41 -6.59 -28.31
N GLY B 125 -13.48 -6.55 -26.99
CA GLY B 125 -13.46 -7.76 -26.15
C GLY B 125 -12.11 -7.96 -25.47
N PRO B 126 -12.00 -8.97 -24.60
CA PRO B 126 -10.83 -9.15 -23.75
C PRO B 126 -9.56 -9.54 -24.53
N ARG B 127 -9.72 -9.98 -25.78
CA ARG B 127 -8.58 -10.35 -26.67
C ARG B 127 -7.71 -9.11 -26.94
N ARG B 128 -8.24 -7.90 -26.72
CA ARG B 128 -7.51 -6.64 -27.03
C ARG B 128 -6.88 -6.05 -25.76
N ILE B 129 -7.07 -6.65 -24.59
CA ILE B 129 -6.39 -6.17 -23.34
C ILE B 129 -4.89 -6.45 -23.45
N SER B 130 -4.06 -5.50 -23.04
CA SER B 130 -2.59 -5.64 -23.12
C SER B 130 -2.13 -6.77 -22.21
N PRO B 131 -1.21 -7.64 -22.66
CA PRO B 131 -0.52 -8.60 -21.77
C PRO B 131 0.15 -7.96 -20.55
N PHE B 132 0.49 -6.67 -20.66
CA PHE B 132 1.20 -5.90 -19.61
C PHE B 132 0.20 -5.11 -18.76
N PHE B 133 -1.10 -5.28 -18.98
CA PHE B 133 -2.13 -4.52 -18.24
C PHE B 133 -1.90 -4.64 -16.72
N VAL B 134 -1.83 -5.86 -16.18
CA VAL B 134 -1.73 -6.02 -14.70
C VAL B 134 -0.38 -5.53 -14.19
N PRO B 135 0.78 -6.06 -14.64
CA PRO B 135 2.06 -5.63 -14.07
C PRO B 135 2.36 -4.15 -14.39
N GLY B 136 1.77 -3.62 -15.46
CA GLY B 136 1.97 -2.22 -15.88
C GLY B 136 1.05 -1.22 -15.19
N SER B 137 0.12 -1.68 -14.35
CA SER B 137 -0.92 -0.83 -13.71
C SER B 137 -0.90 -0.89 -12.18
N ILE B 138 -0.26 -1.91 -11.60
CA ILE B 138 -0.33 -2.11 -10.13
C ILE B 138 0.65 -1.17 -9.44
N ILE B 139 0.27 -0.74 -8.25
CA ILE B 139 0.95 0.37 -7.55
C ILE B 139 2.36 -0.03 -7.13
N ASN B 140 2.63 -1.30 -6.87
CA ASN B 140 3.95 -1.74 -6.37
C ASN B 140 4.97 -1.84 -7.52
N MET B 141 4.66 -1.41 -8.74
CA MET B 141 5.58 -1.65 -9.88
C MET B 141 6.60 -0.51 -9.98
N VAL B 142 6.41 0.61 -9.29
CA VAL B 142 7.51 1.60 -9.16
C VAL B 142 8.63 0.93 -8.35
N SER B 143 8.28 0.39 -7.18
CA SER B 143 9.22 -0.34 -6.30
C SER B 143 9.81 -1.52 -7.08
N GLY B 144 8.98 -2.27 -7.79
CA GLY B 144 9.40 -3.47 -8.53
C GLY B 144 10.39 -3.10 -9.62
N PHE B 145 10.02 -2.17 -10.50
CA PHE B 145 10.86 -1.82 -11.68
C PHE B 145 12.14 -1.15 -11.19
N LEU B 146 12.04 -0.29 -10.15
CA LEU B 146 13.26 0.38 -9.65
C LEU B 146 14.23 -0.68 -9.14
N SER B 147 13.73 -1.63 -8.35
CA SER B 147 14.57 -2.70 -7.74
C SER B 147 15.22 -3.53 -8.87
N ILE B 148 14.49 -3.86 -9.93
CA ILE B 148 15.03 -4.67 -11.06
C ILE B 148 16.12 -3.85 -11.77
N HIS B 149 15.86 -2.58 -12.06
CA HIS B 149 16.82 -1.75 -12.84
C HIS B 149 18.12 -1.55 -12.05
N LEU B 150 18.05 -1.34 -10.73
CA LEU B 150 19.22 -0.91 -9.93
C LEU B 150 19.80 -2.09 -9.15
N GLY B 151 19.13 -3.23 -9.13
CA GLY B 151 19.58 -4.44 -8.42
C GLY B 151 19.36 -4.33 -6.92
N LEU B 152 18.26 -3.72 -6.48
CA LEU B 152 17.98 -3.50 -5.03
C LEU B 152 17.29 -4.76 -4.49
N GLN B 153 17.85 -5.36 -3.45
CA GLN B 153 17.30 -6.62 -2.90
C GLN B 153 16.81 -6.43 -1.47
N GLY B 154 16.82 -5.18 -0.95
CA GLY B 154 16.26 -4.84 0.36
C GLY B 154 14.74 -4.86 0.35
N PRO B 155 14.10 -4.37 1.44
CA PRO B 155 12.64 -4.32 1.52
C PRO B 155 12.04 -3.66 0.27
N ASN B 156 11.07 -4.34 -0.32
CA ASN B 156 10.47 -3.92 -1.60
C ASN B 156 8.96 -3.93 -1.39
N TYR B 157 8.35 -2.76 -1.30
CA TYR B 157 6.90 -2.70 -1.02
C TYR B 157 6.37 -1.33 -1.46
N ALA B 158 5.05 -1.18 -1.35
CA ALA B 158 4.37 0.08 -1.69
C ALA B 158 3.21 0.25 -0.70
N LEU B 159 3.07 1.48 -0.22
CA LEU B 159 1.92 1.95 0.58
C LEU B 159 0.91 2.59 -0.37
N THR B 160 -0.34 2.51 0.01
CA THR B 160 -1.41 3.26 -0.68
C THR B 160 -2.36 3.76 0.42
N THR B 161 -2.19 5.01 0.82
CA THR B 161 -3.03 5.66 1.85
C THR B 161 -3.60 6.95 1.26
N ALA B 162 -4.13 6.84 0.05
CA ALA B 162 -4.81 7.94 -0.65
C ALA B 162 -3.89 9.16 -0.62
N GLN B 163 -4.38 10.31 -0.17
CA GLN B 163 -3.63 11.59 -0.20
C GLN B 163 -2.47 11.61 0.83
N THR B 164 -2.32 10.59 1.67
CA THR B 164 -1.29 10.53 2.73
C THR B 164 -0.13 9.65 2.26
N THR B 165 -0.27 9.00 1.10
CA THR B 165 0.68 7.95 0.63
C THR B 165 2.13 8.40 0.77
N GLY B 166 2.50 9.53 0.18
CA GLY B 166 3.91 9.95 0.12
C GLY B 166 4.50 10.16 1.51
N THR B 167 3.70 10.73 2.42
CA THR B 167 4.13 10.97 3.82
C THR B 167 4.34 9.63 4.52
N HIS B 168 3.36 8.73 4.44
CA HIS B 168 3.47 7.40 5.10
C HIS B 168 4.64 6.62 4.49
N SER B 169 4.81 6.67 3.17
CA SER B 169 5.85 5.88 2.48
C SER B 169 7.22 6.29 3.04
N ILE B 170 7.46 7.59 3.13
CA ILE B 170 8.74 8.16 3.67
C ILE B 170 8.89 7.75 5.14
N GLY B 171 7.85 7.90 5.95
CA GLY B 171 7.90 7.58 7.39
C GLY B 171 8.20 6.13 7.65
N MET B 172 7.49 5.22 6.99
CA MET B 172 7.68 3.76 7.20
C MET B 172 9.04 3.31 6.66
N ALA B 173 9.52 3.92 5.57
CA ALA B 173 10.88 3.67 5.04
C ALA B 173 11.93 4.08 6.09
N ALA B 174 11.71 5.21 6.75
CA ALA B 174 12.60 5.69 7.84
C ALA B 174 12.60 4.65 8.97
N ARG B 175 11.44 4.09 9.30
CA ARG B 175 11.35 3.01 10.33
C ARG B 175 12.19 1.79 9.91
N ASN B 176 12.12 1.37 8.64
CA ASN B 176 12.89 0.22 8.13
C ASN B 176 14.38 0.44 8.45
N ILE B 177 14.86 1.65 8.24
CA ILE B 177 16.29 1.99 8.45
C ILE B 177 16.58 2.11 9.95
N ALA B 178 15.76 2.88 10.66
CA ALA B 178 15.96 3.19 12.09
C ALA B 178 16.05 1.89 12.89
N TYR B 179 15.24 0.90 12.54
CA TYR B 179 15.12 -0.38 13.29
C TYR B 179 15.90 -1.52 12.63
N GLY B 180 16.73 -1.23 11.62
CA GLY B 180 17.85 -2.08 11.18
C GLY B 180 17.55 -3.00 10.02
N GLU B 181 16.37 -2.89 9.39
CA GLU B 181 15.99 -3.80 8.27
C GLU B 181 16.68 -3.36 6.96
N ALA B 182 17.19 -2.14 6.88
CA ALA B 182 17.85 -1.60 5.66
C ALA B 182 18.78 -0.46 6.06
N ASP B 183 19.76 -0.15 5.20
CA ASP B 183 20.65 1.02 5.39
C ASP B 183 20.20 2.16 4.48
N VAL B 184 19.53 1.86 3.37
CA VAL B 184 19.09 2.87 2.39
C VAL B 184 17.68 2.48 1.94
N MET B 185 16.81 3.47 1.81
CA MET B 185 15.48 3.27 1.20
C MET B 185 15.23 4.43 0.24
N VAL B 186 14.68 4.12 -0.93
CA VAL B 186 14.11 5.12 -1.87
C VAL B 186 12.61 5.19 -1.56
N ALA B 187 12.10 6.36 -1.16
CA ALA B 187 10.73 6.45 -0.63
C ALA B 187 10.05 7.71 -1.16
N GLY B 188 8.74 7.59 -1.34
CA GLY B 188 7.92 8.68 -1.85
C GLY B 188 6.69 8.15 -2.54
N GLY B 189 6.27 8.87 -3.58
CA GLY B 189 4.98 8.59 -4.21
C GLY B 189 4.89 9.22 -5.57
N SER B 190 3.95 8.74 -6.36
CA SER B 190 3.67 9.21 -7.73
C SER B 190 2.18 9.08 -7.99
N GLU B 191 1.70 9.91 -8.89
CA GLU B 191 0.26 9.96 -9.21
C GLU B 191 0.08 10.58 -10.58
N MET B 192 -0.86 10.03 -11.32
CA MET B 192 -1.36 10.56 -12.61
CA MET B 192 -1.38 10.60 -12.60
C MET B 192 -2.86 10.21 -12.68
N ALA B 193 -3.68 11.03 -12.07
CA ALA B 193 -5.14 10.81 -12.00
C ALA B 193 -5.84 11.88 -12.84
N ALA B 194 -5.12 12.57 -13.74
CA ALA B 194 -5.72 13.52 -14.72
C ALA B 194 -6.20 12.73 -15.92
N CYS B 195 -7.22 11.91 -15.74
CA CYS B 195 -7.94 11.20 -16.80
C CYS B 195 -9.43 11.40 -16.54
N GLY B 196 -10.27 10.93 -17.44
CA GLY B 196 -11.73 10.97 -17.26
C GLY B 196 -12.12 10.52 -15.86
N LEU B 197 -11.59 9.39 -15.41
CA LEU B 197 -12.00 8.76 -14.13
C LEU B 197 -11.57 9.65 -12.95
N GLY B 198 -10.38 10.22 -12.99
CA GLY B 198 -9.87 11.07 -11.89
C GLY B 198 -10.67 12.36 -11.78
N LEU B 199 -10.67 13.16 -12.85
CA LEU B 199 -11.44 14.44 -12.91
C LEU B 199 -12.94 14.14 -12.74
N GLY B 200 -13.45 13.09 -13.40
CA GLY B 200 -14.86 12.68 -13.29
C GLY B 200 -15.20 12.24 -11.87
N GLY B 201 -14.35 11.40 -11.27
CA GLY B 201 -14.54 10.81 -9.93
C GLY B 201 -14.61 11.88 -8.85
N PHE B 202 -13.60 12.74 -8.80
CA PHE B 202 -13.55 13.83 -7.81
C PHE B 202 -14.63 14.86 -8.14
N GLY B 203 -14.87 15.07 -9.43
CA GLY B 203 -15.93 15.97 -9.93
C GLY B 203 -17.30 15.52 -9.48
N ALA B 204 -17.58 14.22 -9.53
CA ALA B 204 -18.87 13.65 -9.09
C ALA B 204 -19.05 13.89 -7.59
N ALA B 205 -17.95 13.92 -6.83
CA ALA B 205 -17.94 14.18 -5.36
C ALA B 205 -18.02 15.68 -5.09
N ARG B 206 -17.94 16.52 -6.12
CA ARG B 206 -18.00 18.00 -6.02
C ARG B 206 -16.84 18.49 -5.13
N ALA B 207 -15.72 17.78 -5.14
CA ALA B 207 -14.54 18.05 -4.28
C ALA B 207 -13.58 19.04 -4.96
N LEU B 208 -13.71 19.27 -6.27
CA LEU B 208 -12.74 20.06 -7.08
C LEU B 208 -13.19 21.52 -7.17
N SER B 209 -12.23 22.44 -7.15
CA SER B 209 -12.47 23.82 -7.62
C SER B 209 -13.01 23.77 -9.04
N THR B 210 -13.99 24.64 -9.35
CA THR B 210 -14.58 24.80 -10.71
C THR B 210 -14.25 26.19 -11.25
N ARG B 211 -13.17 26.82 -10.76
CA ARG B 211 -12.73 28.17 -11.19
C ARG B 211 -12.02 28.09 -12.55
N ASN B 212 -12.70 27.59 -13.58
CA ASN B 212 -12.15 27.32 -14.93
C ASN B 212 -11.65 28.61 -15.59
N ASP B 213 -12.20 29.76 -15.19
CA ASP B 213 -11.89 31.08 -15.83
C ASP B 213 -10.53 31.57 -15.35
N GLU B 214 -10.06 31.15 -14.17
CA GLU B 214 -8.78 31.64 -13.57
C GLU B 214 -8.05 30.48 -12.88
N PRO B 215 -7.57 29.47 -13.64
CA PRO B 215 -6.99 28.26 -13.05
C PRO B 215 -5.86 28.51 -12.07
N THR B 216 -5.01 29.52 -12.31
CA THR B 216 -3.84 29.82 -11.44
C THR B 216 -4.30 30.38 -10.10
N ARG B 217 -5.56 30.83 -10.01
CA ARG B 217 -6.14 31.42 -8.78
C ARG B 217 -7.02 30.40 -8.05
N ALA B 218 -7.23 29.21 -8.63
CA ALA B 218 -8.21 28.21 -8.14
C ALA B 218 -7.77 27.68 -6.77
N SER B 219 -6.49 27.32 -6.62
CA SER B 219 -5.93 26.75 -5.36
C SER B 219 -5.57 27.90 -4.42
N ARG B 220 -6.39 28.13 -3.39
CA ARG B 220 -6.26 29.34 -2.54
C ARG B 220 -6.49 28.93 -1.10
N PRO B 221 -5.58 28.10 -0.53
CA PRO B 221 -5.76 27.59 0.83
C PRO B 221 -5.98 28.72 1.84
N TRP B 222 -6.99 28.57 2.68
CA TRP B 222 -7.37 29.46 3.80
C TRP B 222 -8.01 30.76 3.30
N ASP B 223 -8.15 30.95 2.00
CA ASP B 223 -8.81 32.15 1.43
C ASP B 223 -10.32 31.95 1.49
N ARG B 224 -11.08 33.01 1.77
CA ARG B 224 -12.55 32.90 2.00
C ARG B 224 -13.29 32.44 0.73
N ASP B 225 -12.69 32.59 -0.47
CA ASP B 225 -13.33 32.27 -1.76
C ASP B 225 -12.91 30.90 -2.30
N ARG B 226 -12.26 30.06 -1.50
CA ARG B 226 -11.81 28.72 -1.93
C ARG B 226 -13.05 27.86 -2.20
N ASP B 227 -12.94 26.92 -3.13
CA ASP B 227 -14.11 26.12 -3.59
C ASP B 227 -13.68 24.69 -3.96
N GLY B 228 -12.63 24.16 -3.33
CA GLY B 228 -12.20 22.77 -3.48
C GLY B 228 -10.78 22.66 -4.05
N PHE B 229 -10.27 21.44 -4.09
CA PHE B 229 -8.83 21.24 -4.42
C PHE B 229 -8.65 21.18 -5.94
N VAL B 230 -7.39 21.33 -6.33
CA VAL B 230 -6.94 21.28 -7.74
C VAL B 230 -6.15 19.99 -7.92
N LEU B 231 -6.54 19.19 -8.89
CA LEU B 231 -5.95 17.86 -9.15
C LEU B 231 -4.62 18.06 -9.90
N SER B 232 -3.57 17.41 -9.41
CA SER B 232 -2.22 17.56 -10.00
C SER B 232 -1.52 16.21 -10.08
N ASP B 233 -0.54 16.16 -10.95
CA ASP B 233 0.22 14.94 -11.32
C ASP B 233 1.69 15.14 -10.96
N GLY B 234 2.40 14.04 -10.76
CA GLY B 234 3.86 14.07 -10.62
C GLY B 234 4.34 13.06 -9.61
N SER B 235 5.50 13.33 -9.02
CA SER B 235 6.19 12.31 -8.20
C SER B 235 7.26 12.98 -7.36
N GLY B 236 7.53 12.38 -6.19
CA GLY B 236 8.67 12.77 -5.36
C GLY B 236 9.31 11.53 -4.80
N ALA B 237 10.62 11.51 -4.76
CA ALA B 237 11.42 10.41 -4.18
C ALA B 237 12.53 11.02 -3.34
N LEU B 238 12.76 10.41 -2.18
CA LEU B 238 13.91 10.73 -1.32
C LEU B 238 14.74 9.48 -1.13
N VAL B 239 16.05 9.65 -1.13
CA VAL B 239 16.97 8.59 -0.64
C VAL B 239 17.13 8.85 0.85
N LEU B 240 16.61 7.89 1.62
CA LEU B 240 16.76 7.90 3.08
C LEU B 240 17.97 7.00 3.37
N GLU B 241 18.79 7.38 4.34
CA GLU B 241 20.06 6.66 4.60
C GLU B 241 20.38 6.69 6.07
N GLU B 242 20.79 5.57 6.63
CA GLU B 242 21.33 5.52 8.00
C GLU B 242 22.55 6.47 8.09
N LEU B 243 22.61 7.21 9.17
CA LEU B 243 23.59 8.33 9.34
C LEU B 243 25.03 7.80 9.22
N GLU B 244 25.41 6.75 9.93
CA GLU B 244 26.79 6.17 9.89
C GLU B 244 27.13 5.77 8.45
N HIS B 245 26.20 5.16 7.74
CA HIS B 245 26.38 4.75 6.32
C HIS B 245 26.64 5.99 5.45
N ALA B 246 25.86 7.05 5.66
CA ALA B 246 25.97 8.30 4.88
C ALA B 246 27.36 8.93 5.16
N ARG B 247 27.74 9.02 6.43
CA ARG B 247 29.01 9.64 6.88
C ARG B 247 30.18 8.86 6.29
N ALA B 248 30.11 7.52 6.29
CA ALA B 248 31.20 6.63 5.86
C ALA B 248 31.55 6.87 4.38
N ARG B 249 30.58 7.23 3.54
CA ARG B 249 30.84 7.41 2.08
C ARG B 249 30.95 8.90 1.73
N GLY B 250 30.87 9.80 2.72
CA GLY B 250 30.98 11.26 2.49
C GLY B 250 29.78 11.81 1.75
N ALA B 251 28.60 11.27 2.01
CA ALA B 251 27.33 11.74 1.40
C ALA B 251 27.08 13.19 1.80
N ARG B 252 26.53 13.96 0.87
CA ARG B 252 25.92 15.27 1.17
C ARG B 252 24.58 15.00 1.86
N ILE B 253 24.43 15.51 3.06
CA ILE B 253 23.20 15.32 3.87
C ILE B 253 22.39 16.61 3.80
N TYR B 254 21.16 16.53 3.28
CA TYR B 254 20.27 17.71 3.21
C TYR B 254 19.68 18.04 4.59
N ALA B 255 19.31 17.02 5.37
CA ALA B 255 18.52 17.18 6.61
C ALA B 255 18.39 15.82 7.28
N GLU B 256 17.97 15.82 8.53
CA GLU B 256 17.67 14.59 9.28
C GLU B 256 16.15 14.41 9.38
N LEU B 257 15.70 13.17 9.24
CA LEU B 257 14.29 12.78 9.51
CA LEU B 257 14.29 12.79 9.51
C LEU B 257 14.23 12.29 10.96
N VAL B 258 13.69 13.11 11.86
CA VAL B 258 13.75 12.86 13.33
C VAL B 258 12.41 12.37 13.85
N GLY B 259 11.30 12.61 13.14
CA GLY B 259 9.96 12.29 13.64
C GLY B 259 9.01 11.81 12.56
N PHE B 260 8.18 10.85 12.91
CA PHE B 260 7.09 10.33 12.07
C PHE B 260 5.89 10.02 12.96
N GLY B 261 4.76 10.62 12.62
CA GLY B 261 3.47 10.37 13.28
C GLY B 261 2.44 9.85 12.31
N MET B 262 1.58 8.97 12.82
CA MET B 262 0.38 8.43 12.15
C MET B 262 -0.79 8.55 13.14
N SER B 263 -1.98 8.73 12.63
CA SER B 263 -3.24 8.60 13.41
C SER B 263 -4.38 8.34 12.44
N GLY B 264 -5.47 7.75 12.94
CA GLY B 264 -6.76 7.74 12.24
C GLY B 264 -7.73 8.69 12.92
N ASP B 265 -8.45 9.48 12.13
CA ASP B 265 -9.61 10.30 12.57
C ASP B 265 -10.70 9.38 13.12
N ALA B 266 -10.92 8.22 12.48
CA ALA B 266 -12.07 7.33 12.76
C ALA B 266 -13.38 8.16 12.78
N PHE B 267 -13.57 9.03 11.78
CA PHE B 267 -14.67 10.03 11.75
C PHE B 267 -15.58 9.85 10.53
N HIS B 268 -15.06 10.03 9.32
CA HIS B 268 -15.85 10.07 8.07
C HIS B 268 -15.00 9.60 6.89
N MET B 269 -15.62 9.09 5.84
CA MET B 269 -14.94 8.46 4.68
C MET B 269 -14.08 9.50 3.96
N THR B 270 -14.47 10.77 3.94
CA THR B 270 -13.80 11.82 3.15
C THR B 270 -13.56 13.09 3.98
N ALA B 271 -14.49 13.48 4.86
CA ALA B 271 -14.44 14.78 5.57
C ALA B 271 -13.64 14.63 6.87
N PRO B 272 -12.81 15.62 7.23
CA PRO B 272 -12.16 15.64 8.53
C PRO B 272 -13.11 16.12 9.61
N PRO B 273 -12.85 15.84 10.90
CA PRO B 273 -13.59 16.46 11.98
C PRO B 273 -13.30 17.97 11.99
N GLU B 274 -14.28 18.79 12.39
CA GLU B 274 -14.21 20.27 12.38
C GLU B 274 -12.96 20.77 13.12
N ASP B 275 -12.59 20.13 14.22
CA ASP B 275 -11.52 20.57 15.13
C ASP B 275 -10.18 19.93 14.77
N GLY B 276 -10.11 19.11 13.72
CA GLY B 276 -8.85 18.48 13.27
C GLY B 276 -8.24 17.62 14.37
N ALA B 277 -9.05 16.94 15.17
CA ALA B 277 -8.56 16.20 16.36
C ALA B 277 -7.54 15.13 15.93
N GLY B 278 -7.78 14.43 14.81
CA GLY B 278 -6.86 13.37 14.35
C GLY B 278 -5.53 13.94 13.89
N ALA B 279 -5.58 15.05 13.16
CA ALA B 279 -4.40 15.77 12.66
C ALA B 279 -3.59 16.27 13.86
N ALA B 280 -4.25 16.73 14.93
CA ALA B 280 -3.57 17.16 16.17
C ALA B 280 -2.86 15.96 16.81
N ARG B 281 -3.54 14.82 16.93
CA ARG B 281 -2.94 13.61 17.56
C ARG B 281 -1.70 13.22 16.74
N CYS B 282 -1.82 13.27 15.43
CA CYS B 282 -0.75 12.87 14.47
C CYS B 282 0.48 13.75 14.66
N MET B 283 0.30 15.07 14.66
CA MET B 283 1.42 16.03 14.87
C MET B 283 2.05 15.79 16.24
N LYS B 284 1.26 15.62 17.31
CA LYS B 284 1.83 15.37 18.67
C LYS B 284 2.62 14.06 18.66
N ASN B 285 2.10 13.03 18.01
CA ASN B 285 2.80 11.72 17.88
C ASN B 285 4.15 11.96 17.19
N ALA B 286 4.21 12.77 16.14
CA ALA B 286 5.46 13.01 15.37
C ALA B 286 6.47 13.75 16.26
N LEU B 287 6.00 14.76 17.01
CA LEU B 287 6.87 15.56 17.90
C LEU B 287 7.39 14.68 19.03
N ARG B 288 6.56 13.84 19.64
CA ARG B 288 6.99 12.89 20.70
C ARG B 288 8.03 11.92 20.11
N ASP B 289 7.77 11.41 18.90
CA ASP B 289 8.71 10.51 18.19
C ASP B 289 10.08 11.21 18.04
N ALA B 290 10.10 12.50 17.74
CA ALA B 290 11.34 13.29 17.55
C ALA B 290 11.96 13.77 18.88
N GLY B 291 11.31 13.53 20.03
CA GLY B 291 11.70 14.13 21.32
C GLY B 291 11.71 15.65 21.30
N LEU B 292 10.77 16.26 20.58
CA LEU B 292 10.71 17.73 20.40
C LEU B 292 9.54 18.33 21.19
N ASP B 293 9.79 19.48 21.78
CA ASP B 293 8.76 20.41 22.33
C ASP B 293 8.13 21.12 21.14
N PRO B 294 6.78 21.26 21.07
CA PRO B 294 6.13 22.03 20.01
C PRO B 294 6.80 23.37 19.69
N ARG B 295 7.36 24.04 20.69
CA ARG B 295 7.98 25.39 20.53
C ARG B 295 9.22 25.33 19.62
N GLN B 296 9.78 24.14 19.38
CA GLN B 296 10.97 23.96 18.52
C GLN B 296 10.59 24.00 17.04
N VAL B 297 9.32 23.84 16.68
CA VAL B 297 8.89 23.84 15.25
C VAL B 297 8.90 25.28 14.71
N ASP B 298 9.58 25.49 13.58
CA ASP B 298 9.70 26.82 12.91
C ASP B 298 8.78 26.91 11.70
N TYR B 299 8.64 25.82 10.94
CA TYR B 299 7.94 25.82 9.64
C TYR B 299 7.07 24.58 9.53
N ILE B 300 5.84 24.76 9.08
CA ILE B 300 4.92 23.64 8.76
C ILE B 300 4.57 23.78 7.27
N ASN B 301 4.89 22.76 6.48
CA ASN B 301 4.29 22.57 5.13
C ASN B 301 2.94 21.89 5.35
N ALA B 302 1.86 22.67 5.25
CA ALA B 302 0.50 22.24 5.56
C ALA B 302 0.04 21.22 4.54
N HIS B 303 -0.98 20.45 4.89
CA HIS B 303 -1.80 19.73 3.89
C HIS B 303 -2.43 20.78 2.96
N GLY B 304 -3.22 21.69 3.55
CA GLY B 304 -3.74 22.92 2.90
C GLY B 304 -4.24 22.70 1.48
N THR B 305 -5.31 21.94 1.30
CA THR B 305 -5.76 21.50 -0.05
C THR B 305 -6.72 22.51 -0.69
N SER B 306 -7.15 23.55 0.02
CA SER B 306 -8.08 24.59 -0.51
C SER B 306 -9.54 24.10 -0.48
N THR B 307 -9.89 23.22 0.45
CA THR B 307 -11.29 22.81 0.73
C THR B 307 -11.81 23.64 1.89
N PRO B 308 -13.11 24.06 1.87
CA PRO B 308 -13.67 24.84 2.98
C PRO B 308 -13.43 24.21 4.36
N ALA B 309 -13.74 22.92 4.53
CA ALA B 309 -13.68 22.22 5.84
C ALA B 309 -12.22 21.92 6.21
N GLY B 310 -11.44 21.39 5.27
CA GLY B 310 -10.07 20.90 5.52
C GLY B 310 -9.14 22.00 6.00
N ASP B 311 -9.16 23.15 5.35
CA ASP B 311 -8.21 24.24 5.65
C ASP B 311 -8.45 24.71 7.09
N ILE B 312 -9.72 24.82 7.50
CA ILE B 312 -10.12 25.32 8.85
C ILE B 312 -9.74 24.28 9.90
N ALA B 313 -10.05 23.01 9.65
CA ALA B 313 -9.67 21.89 10.54
C ALA B 313 -8.16 21.91 10.81
N GLU B 314 -7.37 22.19 9.77
CA GLU B 314 -5.89 22.20 9.89
C GLU B 314 -5.43 23.37 10.78
N ILE B 315 -6.04 24.55 10.64
CA ILE B 315 -5.75 25.70 11.55
C ILE B 315 -6.07 25.28 13.00
N ALA B 316 -7.22 24.66 13.22
CA ALA B 316 -7.66 24.25 14.58
C ALA B 316 -6.66 23.24 15.17
N ALA B 317 -6.20 22.26 14.36
CA ALA B 317 -5.23 21.24 14.80
C ALA B 317 -3.92 21.92 15.21
N VAL B 318 -3.42 22.85 14.41
CA VAL B 318 -2.13 23.55 14.68
C VAL B 318 -2.28 24.39 15.97
N LYS B 319 -3.39 25.11 16.11
CA LYS B 319 -3.67 25.91 17.34
C LYS B 319 -3.71 25.00 18.56
N SER B 320 -4.34 23.83 18.45
CA SER B 320 -4.43 22.85 19.58
CA SER B 320 -4.43 22.85 19.58
C SER B 320 -3.04 22.36 19.96
N VAL B 321 -2.23 21.98 18.98
CA VAL B 321 -0.89 21.37 19.22
C VAL B 321 0.10 22.43 19.76
N PHE B 322 0.11 23.62 19.17
CA PHE B 322 1.22 24.60 19.37
C PHE B 322 0.83 25.75 20.31
N GLY B 323 -0.45 25.88 20.69
CA GLY B 323 -0.91 26.97 21.57
C GLY B 323 -0.41 28.32 21.07
N GLU B 324 0.18 29.13 21.93
CA GLU B 324 0.67 30.50 21.56
C GLU B 324 1.75 30.38 20.49
N HIS B 325 2.56 29.34 20.51
CA HIS B 325 3.62 29.12 19.50
C HIS B 325 3.03 29.03 18.09
N ALA B 326 1.73 28.72 17.94
CA ALA B 326 1.05 28.68 16.63
C ALA B 326 1.26 30.01 15.89
N HIS B 327 1.46 31.11 16.65
CA HIS B 327 1.60 32.49 16.13
C HIS B 327 3.05 32.83 15.82
N ALA B 328 4.02 32.01 16.26
CA ALA B 328 5.47 32.25 16.07
C ALA B 328 5.98 31.46 14.85
N LEU B 329 5.55 30.21 14.68
CA LEU B 329 5.94 29.38 13.50
C LEU B 329 5.35 29.98 12.22
N SER B 330 5.87 29.57 11.06
CA SER B 330 5.31 29.89 9.73
C SER B 330 4.72 28.60 9.16
N MET B 331 3.55 28.69 8.56
CA MET B 331 2.86 27.53 7.94
C MET B 331 2.40 27.97 6.56
N SER B 332 2.74 27.22 5.51
CA SER B 332 2.26 27.52 4.15
C SER B 332 1.80 26.24 3.45
N SER B 333 0.94 26.42 2.47
CA SER B 333 0.51 25.35 1.55
C SER B 333 1.15 25.60 0.19
N THR B 334 2.12 24.76 -0.16
CA THR B 334 2.72 24.80 -1.52
C THR B 334 1.69 24.33 -2.53
N LYS B 335 0.59 23.66 -2.11
CA LYS B 335 -0.51 23.27 -3.03
C LYS B 335 -1.16 24.52 -3.66
N SER B 336 -1.03 25.69 -3.04
CA SER B 336 -1.42 26.98 -3.65
C SER B 336 -0.79 27.10 -5.04
N MET B 337 0.40 26.54 -5.25
CA MET B 337 1.16 26.63 -6.51
C MET B 337 1.11 25.31 -7.30
N THR B 338 1.22 24.17 -6.63
CA THR B 338 1.40 22.86 -7.30
C THR B 338 0.04 22.19 -7.52
N GLY B 339 -0.99 22.61 -6.80
CA GLY B 339 -2.22 21.83 -6.67
C GLY B 339 -1.93 20.60 -5.83
N HIS B 340 -2.88 19.66 -5.82
CA HIS B 340 -2.87 18.47 -4.94
C HIS B 340 -2.41 17.25 -5.76
N LEU B 341 -1.18 16.79 -5.53
CA LEU B 341 -0.62 15.61 -6.25
C LEU B 341 -1.08 14.30 -5.59
N LEU B 342 -2.07 14.37 -4.69
CA LEU B 342 -2.73 13.22 -4.04
C LEU B 342 -1.64 12.34 -3.38
N GLY B 343 -1.42 11.11 -3.85
CA GLY B 343 -0.44 10.18 -3.27
C GLY B 343 0.98 10.72 -3.33
N ALA B 344 1.28 11.61 -4.29
CA ALA B 344 2.64 12.18 -4.46
C ALA B 344 2.76 13.46 -3.64
N ALA B 345 1.65 14.01 -3.11
CA ALA B 345 1.65 15.31 -2.39
C ALA B 345 2.66 15.28 -1.24
N GLY B 346 2.62 14.24 -0.41
CA GLY B 346 3.49 14.15 0.79
C GLY B 346 4.95 14.02 0.40
N ALA B 347 5.24 13.42 -0.76
CA ALA B 347 6.61 13.18 -1.25
C ALA B 347 7.20 14.53 -1.71
N VAL B 348 6.49 15.24 -2.59
CA VAL B 348 7.02 16.54 -3.07
C VAL B 348 7.07 17.53 -1.90
N GLU B 349 6.14 17.44 -0.96
CA GLU B 349 6.10 18.41 0.17
C GLU B 349 7.17 18.09 1.21
N ALA B 350 7.53 16.82 1.40
CA ALA B 350 8.72 16.45 2.22
C ALA B 350 9.95 17.13 1.60
N ILE B 351 10.08 17.08 0.27
CA ILE B 351 11.24 17.68 -0.44
C ILE B 351 11.21 19.19 -0.21
N PHE B 352 10.06 19.83 -0.34
CA PHE B 352 9.96 21.30 -0.12
C PHE B 352 10.29 21.65 1.34
N SER B 353 9.90 20.81 2.29
CA SER B 353 10.22 21.00 3.73
C SER B 353 11.73 20.91 3.95
N VAL B 354 12.38 19.94 3.32
CA VAL B 354 13.86 19.74 3.40
C VAL B 354 14.55 20.98 2.79
N LEU B 355 14.07 21.47 1.65
CA LEU B 355 14.70 22.63 0.97
C LEU B 355 14.43 23.92 1.77
N ALA B 356 13.29 24.00 2.47
CA ALA B 356 13.00 25.11 3.42
C ALA B 356 14.10 25.13 4.49
N LEU B 357 14.49 23.97 5.01
CA LEU B 357 15.60 23.87 5.99
C LEU B 357 16.92 24.27 5.33
N ARG B 358 17.18 23.79 4.12
CA ARG B 358 18.47 24.02 3.43
C ARG B 358 18.63 25.52 3.20
N ASP B 359 17.60 26.19 2.68
CA ASP B 359 17.70 27.59 2.19
C ASP B 359 17.24 28.59 3.25
N GLN B 360 16.64 28.15 4.36
CA GLN B 360 16.14 29.02 5.45
C GLN B 360 15.12 30.01 4.87
N VAL B 361 14.14 29.49 4.15
CA VAL B 361 13.07 30.29 3.50
C VAL B 361 11.78 29.48 3.60
N ALA B 362 10.71 30.10 4.09
CA ALA B 362 9.35 29.50 4.10
C ALA B 362 8.71 29.81 2.75
N PRO B 363 8.32 28.78 1.98
CA PRO B 363 7.61 29.00 0.72
C PRO B 363 6.27 29.68 0.96
N PRO B 364 5.76 30.44 -0.02
CA PRO B 364 4.52 31.20 0.13
C PRO B 364 3.26 30.32 0.01
N THR B 365 2.18 30.79 0.63
CA THR B 365 0.80 30.41 0.22
C THR B 365 0.34 31.49 -0.74
N ILE B 366 0.38 31.23 -2.05
CA ILE B 366 -0.10 32.24 -3.04
C ILE B 366 -1.64 32.24 -2.99
N ASN B 367 -2.27 33.28 -3.54
CA ASN B 367 -3.74 33.40 -3.69
C ASN B 367 -4.42 33.68 -2.34
N LEU B 368 -3.68 33.86 -1.25
CA LEU B 368 -4.26 34.12 0.08
C LEU B 368 -4.62 35.61 0.18
N ASP B 369 -5.60 36.06 -0.60
CA ASP B 369 -5.98 37.49 -0.75
C ASP B 369 -6.76 37.94 0.49
N ASN B 370 -7.66 37.08 0.97
CA ASN B 370 -8.59 37.40 2.08
C ASN B 370 -8.69 36.19 2.99
N PRO B 371 -7.79 36.06 3.99
CA PRO B 371 -7.81 34.95 4.92
C PRO B 371 -9.20 34.78 5.56
N ASP B 372 -9.69 33.56 5.66
CA ASP B 372 -11.04 33.27 6.20
C ASP B 372 -11.03 33.50 7.72
N GLU B 373 -12.21 33.43 8.34
CA GLU B 373 -12.39 33.57 9.81
C GLU B 373 -11.46 32.57 10.52
N GLY B 374 -10.66 33.06 11.47
CA GLY B 374 -9.81 32.23 12.34
C GLY B 374 -8.52 31.79 11.66
N CYS B 375 -8.31 32.18 10.40
CA CYS B 375 -7.08 31.86 9.62
C CYS B 375 -6.05 32.99 9.82
N ASP B 376 -5.65 33.19 11.07
CA ASP B 376 -4.94 34.39 11.57
C ASP B 376 -3.51 34.01 11.98
N LEU B 377 -3.00 32.88 11.51
CA LEU B 377 -1.59 32.49 11.72
C LEU B 377 -0.72 33.14 10.62
N ASP B 378 0.59 33.01 10.75
CA ASP B 378 1.52 33.38 9.68
C ASP B 378 1.42 32.28 8.62
N LEU B 379 0.64 32.52 7.56
CA LEU B 379 0.43 31.54 6.46
C LEU B 379 1.29 31.93 5.25
N VAL B 380 2.27 32.82 5.46
CA VAL B 380 3.24 33.24 4.41
C VAL B 380 2.49 33.66 3.14
N ALA B 381 1.49 34.52 3.27
CA ALA B 381 0.66 34.99 2.13
C ALA B 381 1.56 35.61 1.06
N HIS B 382 1.41 35.15 -0.19
CA HIS B 382 1.82 35.80 -1.46
C HIS B 382 3.31 35.59 -1.78
N GLU B 383 4.20 35.79 -0.81
CA GLU B 383 5.67 35.88 -1.07
C GLU B 383 6.47 35.03 -0.09
N ALA B 384 7.54 34.43 -0.58
CA ALA B 384 8.49 33.61 0.21
C ALA B 384 9.01 34.46 1.36
N LYS B 385 9.19 33.87 2.53
CA LYS B 385 9.69 34.60 3.72
C LYS B 385 10.95 33.94 4.23
N PRO B 386 12.13 34.56 3.99
CA PRO B 386 13.36 34.15 4.66
C PRO B 386 13.16 34.20 6.17
N ARG B 387 13.55 33.15 6.88
CA ARG B 387 13.42 33.09 8.36
C ARG B 387 14.25 31.92 8.88
N LYS B 388 14.45 31.88 10.19
CA LYS B 388 15.18 30.79 10.88
C LYS B 388 14.29 29.55 10.80
N ILE B 389 14.82 28.45 10.29
CA ILE B 389 14.08 27.15 10.27
C ILE B 389 15.04 26.07 10.72
N ASP B 390 14.94 25.63 11.97
CA ASP B 390 15.71 24.47 12.52
C ASP B 390 14.87 23.20 12.37
N VAL B 391 13.55 23.30 12.53
CA VAL B 391 12.63 22.13 12.48
C VAL B 391 11.50 22.47 11.52
N ALA B 392 11.25 21.59 10.55
CA ALA B 392 10.12 21.68 9.59
C ALA B 392 9.26 20.41 9.72
N LEU B 393 7.94 20.63 9.78
CA LEU B 393 6.90 19.57 9.81
C LEU B 393 6.22 19.53 8.44
N SER B 394 5.93 18.35 7.93
CA SER B 394 5.08 18.20 6.73
C SER B 394 3.88 17.33 7.08
N ASN B 395 2.67 17.83 6.83
CA ASN B 395 1.40 17.14 7.18
C ASN B 395 0.72 16.67 5.89
N SER B 396 0.13 15.49 5.97
CA SER B 396 -0.77 14.93 4.94
C SER B 396 -1.96 14.28 5.64
N PHE B 397 -3.15 14.57 5.15
CA PHE B 397 -4.43 13.98 5.63
C PHE B 397 -5.13 13.41 4.39
N GLY B 398 -5.81 12.29 4.54
CA GLY B 398 -6.42 11.62 3.38
C GLY B 398 -7.75 10.98 3.73
N PHE B 399 -8.46 10.57 2.68
CA PHE B 399 -9.71 9.79 2.78
C PHE B 399 -9.47 8.63 3.74
N GLY B 400 -10.53 8.25 4.46
CA GLY B 400 -10.51 7.22 5.49
C GLY B 400 -9.99 7.76 6.80
N GLY B 401 -9.79 9.08 6.90
CA GLY B 401 -9.27 9.74 8.11
C GLY B 401 -7.82 9.38 8.38
N THR B 402 -7.06 9.06 7.34
CA THR B 402 -5.66 8.61 7.51
C THR B 402 -4.76 9.85 7.58
N ASN B 403 -3.92 9.95 8.59
CA ASN B 403 -3.09 11.15 8.86
C ASN B 403 -1.62 10.74 8.93
N GLY B 404 -0.75 11.59 8.41
CA GLY B 404 0.71 11.40 8.56
C GLY B 404 1.40 12.72 8.76
N THR B 405 2.43 12.73 9.60
CA THR B 405 3.30 13.89 9.84
C THR B 405 4.76 13.42 9.81
N LEU B 406 5.60 14.16 9.08
CA LEU B 406 7.06 13.99 9.11
C LEU B 406 7.70 15.22 9.73
N VAL B 407 8.70 14.99 10.56
CA VAL B 407 9.47 16.08 11.21
C VAL B 407 10.92 15.96 10.73
N PHE B 408 11.41 17.02 10.09
CA PHE B 408 12.78 17.15 9.57
C PHE B 408 13.50 18.21 10.39
N ARG B 409 14.80 18.04 10.56
CA ARG B 409 15.63 18.98 11.34
C ARG B 409 16.93 19.23 10.59
N ARG B 410 17.48 20.44 10.69
CA ARG B 410 18.82 20.78 10.14
C ARG B 410 19.80 19.76 10.71
N PHE B 411 20.71 19.24 9.89
CA PHE B 411 21.63 18.18 10.33
C PHE B 411 22.86 18.82 10.99
N ALA B 412 23.06 18.53 12.29
CA ALA B 412 24.26 18.82 13.10
C ALA B 412 25.07 17.53 13.28
S DMS C . 7.36 -9.08 15.06
O DMS C . 8.20 -7.93 14.61
C1 DMS C . 8.01 -9.53 16.65
C2 DMS C . 7.96 -10.50 14.15
N1 VBR D . 8.39 -16.80 -6.77
C4 VBR D . 6.60 -17.82 -7.67
C5 VBR D . 5.38 -17.84 -8.35
C6 VBR D . 4.81 -16.64 -8.79
C7 VBR D . 3.50 -16.69 -9.54
C8 VBR D . 5.45 -15.43 -8.56
C10 VBR D . 7.22 -16.56 -7.45
C1 VBR D . 9.72 -18.69 -5.82
C2 VBR D . 8.54 -18.16 -6.55
C3 VBR D . 7.47 -18.80 -7.09
C9 VBR D . 6.66 -15.37 -7.87
O1 VBR D . 2.49 -17.05 -8.92
O2 VBR D . 3.51 -16.39 -10.75
CL1 VBR D . 4.75 -13.92 -9.08
S DMS E . -2.30 -9.15 -8.36
O DMS E . -1.94 -9.20 -6.89
C1 DMS E . -0.90 -8.39 -9.16
C2 DMS E . -3.44 -7.80 -8.57
C FMT F . -15.76 -3.47 20.83
O1 FMT F . -15.64 -2.26 20.99
O2 FMT F . -15.18 -4.16 19.86
S DMS G . -16.69 2.49 19.90
O DMS G . -15.43 3.19 20.29
C1 DMS G . -17.83 2.71 21.25
C2 DMS G . -16.39 0.75 20.11
S DMS H . -22.27 3.00 -11.59
O DMS H . -21.60 4.31 -11.93
C1 DMS H . -22.29 2.90 -9.81
C2 DMS H . -21.08 1.75 -11.90
S DMS I . 20.08 -28.35 6.99
O DMS I . 19.36 -29.62 7.34
C1 DMS I . 21.55 -28.36 7.96
C2 DMS I . 19.21 -27.04 7.83
S DMS J . -6.88 2.06 -7.51
O DMS J . -5.57 1.65 -6.89
C1 DMS J . -8.04 0.79 -7.00
C2 DMS J . -6.76 1.62 -9.24
S DMS K . -10.46 -33.41 -7.30
O DMS K . -10.68 -31.92 -7.12
C1 DMS K . -12.03 -34.18 -6.97
C2 DMS K . -9.59 -33.96 -5.85
S DMS L . -21.00 -1.85 -6.02
O DMS L . -21.27 -2.58 -4.72
C1 DMS L . -19.83 -2.84 -6.91
C2 DMS L . -19.94 -0.48 -5.64
S DMS M . -20.79 -12.42 -7.33
O DMS M . -19.47 -12.58 -6.62
C1 DMS M . -21.25 -10.70 -7.17
C2 DMS M . -22.01 -13.11 -6.24
S DMS N . -5.77 -34.19 -15.52
O DMS N . -6.60 -34.66 -14.35
C1 DMS N . -6.12 -35.31 -16.86
C2 DMS N . -4.11 -34.72 -15.19
N1 VBR O . 7.64 0.73 12.85
C4 VBR O . 9.48 -0.56 12.65
C5 VBR O . 10.32 -1.48 12.03
C6 VBR O . 9.97 -2.00 10.79
C7 VBR O . 10.94 -3.02 10.18
C8 VBR O . 8.76 -1.63 10.19
C10 VBR O . 8.26 -0.19 12.02
C1 VBR O . 8.03 1.88 15.07
C2 VBR O . 8.41 0.94 13.97
C3 VBR O . 9.53 0.17 13.88
C9 VBR O . 7.90 -0.71 10.78
O1 VBR O . 11.53 -3.78 10.98
O2 VBR O . 11.14 -3.04 8.93
CL1 VBR O . 8.27 -2.31 8.66
S DMS P . -3.14 -32.97 -19.24
O DMS P . -4.22 -32.36 -18.39
C1 DMS P . -3.40 -32.38 -20.89
C2 DMS P . -3.61 -34.66 -19.50
S DMS Q . 28.69 -4.76 -8.19
O DMS Q . 29.39 -4.98 -6.84
C1 DMS Q . 29.36 -6.04 -9.23
C2 DMS Q . 29.48 -3.36 -8.92
P PO4 R . 28.38 -0.50 2.22
O1 PO4 R . 27.55 0.47 1.32
O2 PO4 R . 27.50 -1.12 3.29
O3 PO4 R . 29.52 0.25 2.91
O4 PO4 R . 28.95 -1.63 1.37
S DMS S . 17.92 6.31 -15.78
O DMS S . 18.92 6.75 -14.77
C1 DMS S . 17.64 4.60 -15.48
C2 DMS S . 18.81 6.15 -17.32
N1 VBR T . -7.87 16.70 7.41
C4 VBR T . -8.15 17.91 5.55
C5 VBR T . -8.44 18.10 4.19
C6 VBR T . -8.76 16.98 3.41
C7 VBR T . -9.09 17.20 1.96
C8 VBR T . -8.80 15.71 3.97
C10 VBR T . -8.20 16.61 6.09
C1 VBR T . -7.24 18.40 9.13
C2 VBR T . -7.62 18.01 7.73
C3 VBR T . -7.77 18.77 6.63
C9 VBR T . -8.53 15.49 5.31
O1 VBR T . -8.17 17.40 1.16
O2 VBR T . -10.30 17.17 1.65
CL1 VBR T . -9.21 14.33 2.99
S DMS U . 1.78 4.40 -21.79
O DMS U . 1.35 3.02 -21.36
C1 DMS U . 0.28 5.30 -22.13
C2 DMS U . 2.35 4.24 -23.45
S DMS V . -0.49 -0.93 -20.58
O DMS V . -1.59 -1.86 -20.34
C1 DMS V . -0.84 -0.18 -22.15
C2 DMS V . 0.87 -1.90 -21.12
S DMS W . -18.29 16.19 -13.20
O DMS W . -17.29 16.34 -14.30
C1 DMS W . -18.62 14.45 -13.03
C2 DMS W . -19.85 16.70 -13.87
S DMS X . 12.91 7.43 12.14
O DMS X . 12.21 6.26 12.81
C1 DMS X . 14.37 7.72 13.09
C2 DMS X . 12.02 8.88 12.65
S DMS Y . 24.36 2.81 -9.28
O DMS Y . 25.17 2.03 -8.30
C1 DMS Y . 25.14 4.41 -9.35
C2 DMS Y . 22.87 3.32 -8.41
S DMS Z . 18.70 14.56 -11.16
O DMS Z . 19.20 13.73 -12.30
C1 DMS Z . 18.48 16.21 -11.79
C2 DMS Z . 20.07 14.84 -10.10
S DMS AA . -1.99 34.68 -9.00
O DMS AA . -1.40 35.64 -9.98
C1 DMS AA . -1.00 34.80 -7.53
C2 DMS AA . -1.50 33.06 -9.53
S DMS BA . 19.52 -8.81 5.65
O DMS BA . 19.89 -7.86 4.56
C1 DMS BA . 17.94 -8.26 6.28
C2 DMS BA . 20.51 -8.35 7.06
S DMS CA . 16.06 17.92 21.79
O DMS CA . 16.05 19.11 20.86
C1 DMS CA . 17.70 17.84 22.47
C2 DMS CA . 16.14 16.47 20.75
S DMS DA . 28.71 7.17 12.61
O DMS DA . 27.44 7.97 12.79
C1 DMS DA . 28.88 6.18 14.08
C2 DMS DA . 30.06 8.29 12.89
S DMS EA . -15.96 29.04 -8.35
O DMS EA . -15.21 30.32 -8.52
C1 DMS EA . -17.09 28.93 -9.73
C2 DMS EA . -17.14 29.32 -7.06
#